data_1EPF
#
_entry.id   1EPF
#
_cell.length_a   47.078
_cell.length_b   122.505
_cell.length_c   72.859
_cell.angle_alpha   90.00
_cell.angle_beta   98.27
_cell.angle_gamma   90.00
#
_symmetry.space_group_name_H-M   'P 1 21 1'
#
loop_
_entity.id
_entity.type
_entity.pdbx_description
1 polymer 'PROTEIN (NEURAL CELL ADHESION MOLECULE)'
2 non-polymer 'CALCIUM ION'
3 water water
#
_entity_poly.entity_id   1
_entity_poly.type   'polypeptide(L)'
_entity_poly.pdbx_seq_one_letter_code
;RVLQVDIVPSQGEISVGESKFFLCQVAGDAKDKDISWFSPNGEKLSPNQQRISVVWNDDDSSTLTIYNANIDDAGIYKCV
VTAEDGTQSEATVNVKIFQKLMFKNAPTPQEFKEGEDAVIVCDVVSSLPPTIIWKHKGRDVILKKDVRFIVLSNNYLQIR
GIKKTDEGTYRCEGRILARGEINFKDIQVIV
;
_entity_poly.pdbx_strand_id   A,B,C,D
#
# COMPACT_ATOMS: atom_id res chain seq x y z
N LEU A 3 53.35 24.80 5.59
CA LEU A 3 51.99 25.19 6.06
C LEU A 3 51.26 23.94 6.52
N GLN A 4 50.20 24.10 7.31
CA GLN A 4 49.43 22.97 7.79
C GLN A 4 47.94 23.29 7.75
N VAL A 5 47.15 22.33 7.28
CA VAL A 5 45.72 22.52 7.15
C VAL A 5 44.95 21.41 7.87
N ASP A 6 43.95 21.79 8.66
CA ASP A 6 43.17 20.82 9.41
C ASP A 6 41.67 21.07 9.34
N ILE A 7 40.91 19.99 9.22
CA ILE A 7 39.45 20.09 9.18
C ILE A 7 38.83 19.30 10.33
N VAL A 8 37.92 19.95 11.04
CA VAL A 8 37.26 19.31 12.17
C VAL A 8 35.77 19.55 12.11
N PRO A 9 34.98 18.47 12.15
CA PRO A 9 35.34 17.05 12.28
C PRO A 9 36.22 16.58 11.10
N SER A 10 37.10 15.62 11.37
N SER A 10 37.10 15.62 11.37
CA SER A 10 38.01 15.08 10.35
CA SER A 10 38.02 15.09 10.36
C SER A 10 37.30 14.36 9.23
C SER A 10 37.32 14.34 9.24
N GLN A 11 36.13 13.82 9.53
CA GLN A 11 35.34 13.11 8.54
C GLN A 11 33.93 13.23 9.11
N GLY A 12 32.93 13.17 8.24
CA GLY A 12 31.59 13.31 8.76
C GLY A 12 30.54 12.55 8.00
N GLU A 13 29.52 12.15 8.73
CA GLU A 13 28.40 11.45 8.13
C GLU A 13 27.21 12.30 8.46
N ILE A 14 26.51 12.75 7.43
N ILE A 14 26.50 12.73 7.43
CA ILE A 14 25.32 13.58 7.63
CA ILE A 14 25.33 13.56 7.65
C ILE A 14 24.09 12.77 7.24
C ILE A 14 24.09 12.77 7.24
N SER A 15 23.09 12.76 8.11
CA SER A 15 21.86 12.04 7.83
C SER A 15 21.11 12.87 6.80
N VAL A 16 20.41 12.21 5.88
CA VAL A 16 19.65 12.90 4.85
C VAL A 16 18.69 13.88 5.52
N GLY A 17 18.67 15.12 5.03
CA GLY A 17 17.78 16.11 5.59
C GLY A 17 18.31 16.84 6.81
N GLU A 18 19.50 16.46 7.28
CA GLU A 18 20.07 17.12 8.45
C GLU A 18 21.28 17.94 8.04
N SER A 19 21.93 18.58 9.01
CA SER A 19 23.05 19.44 8.70
C SER A 19 24.31 19.18 9.52
N LYS A 20 25.45 19.55 8.95
CA LYS A 20 26.73 19.36 9.61
C LYS A 20 27.71 20.44 9.15
N PHE A 21 28.57 20.91 10.04
CA PHE A 21 29.54 21.93 9.68
C PHE A 21 30.96 21.41 9.80
N PHE A 22 31.86 21.98 8.99
CA PHE A 22 33.25 21.58 8.98
C PHE A 22 34.16 22.80 9.06
N LEU A 23 34.95 22.86 10.11
CA LEU A 23 35.86 23.98 10.31
C LEU A 23 37.24 23.72 9.74
N CYS A 24 37.69 24.60 8.86
CA CYS A 24 39.03 24.47 8.27
C CYS A 24 39.92 25.45 9.02
N GLN A 25 40.94 24.94 9.68
CA GLN A 25 41.87 25.76 10.45
C GLN A 25 43.30 25.62 9.94
N VAL A 26 43.97 26.75 9.81
CA VAL A 26 45.35 26.79 9.35
C VAL A 26 46.18 27.16 10.57
N ALA A 27 47.31 26.49 10.76
CA ALA A 27 48.20 26.79 11.88
C ALA A 27 48.58 28.28 11.81
N GLY A 28 47.59 29.13 11.58
CA GLY A 28 47.77 30.57 11.45
C GLY A 28 48.87 31.30 12.20
N ASP A 29 49.26 32.45 11.65
CA ASP A 29 50.31 33.29 12.22
C ASP A 29 50.33 34.63 11.47
N ALA A 30 51.28 35.50 11.78
CA ALA A 30 51.38 36.79 11.10
C ALA A 30 51.79 36.49 9.67
N LYS A 31 50.81 36.10 8.86
CA LYS A 31 51.03 35.74 7.46
C LYS A 31 49.72 35.90 6.69
N ASP A 32 49.81 36.42 5.47
CA ASP A 32 48.63 36.58 4.63
C ASP A 32 48.42 35.25 3.97
N LYS A 33 47.18 34.92 3.68
CA LYS A 33 46.89 33.64 3.05
C LYS A 33 45.42 33.62 2.76
N ASP A 34 45.06 32.86 1.73
CA ASP A 34 43.67 32.74 1.33
C ASP A 34 43.17 31.34 1.62
N ILE A 35 41.98 31.26 2.18
CA ILE A 35 41.37 29.96 2.48
C ILE A 35 40.13 29.79 1.61
N SER A 36 40.10 28.70 0.84
CA SER A 36 38.97 28.43 -0.03
C SER A 36 38.47 27.00 0.11
N TRP A 37 37.18 26.82 -0.10
CA TRP A 37 36.57 25.49 -0.02
C TRP A 37 36.15 25.06 -1.43
N PHE A 38 36.31 23.77 -1.71
CA PHE A 38 35.93 23.21 -2.99
C PHE A 38 35.03 22.01 -2.75
N SER A 39 34.01 21.84 -3.59
CA SER A 39 33.10 20.71 -3.45
C SER A 39 33.69 19.47 -4.12
N PRO A 40 33.06 18.29 -3.91
CA PRO A 40 33.52 17.03 -4.50
C PRO A 40 33.78 17.09 -6.01
N ASN A 41 32.96 17.83 -6.74
CA ASN A 41 33.11 17.94 -8.19
C ASN A 41 34.18 18.95 -8.62
N GLY A 42 34.88 19.54 -7.64
CA GLY A 42 35.93 20.49 -7.95
C GLY A 42 35.53 21.96 -8.00
N GLU A 43 34.27 22.26 -7.74
CA GLU A 43 33.81 23.64 -7.77
C GLU A 43 34.31 24.46 -6.60
N LYS A 44 34.66 25.71 -6.88
CA LYS A 44 35.13 26.61 -5.84
C LYS A 44 33.89 27.14 -5.14
N LEU A 45 33.75 26.83 -3.85
CA LEU A 45 32.61 27.28 -3.06
C LEU A 45 32.90 28.66 -2.48
N SER A 46 32.05 29.62 -2.84
N SER A 46 32.06 29.63 -2.85
CA SER A 46 32.21 30.98 -2.35
CA SER A 46 32.24 30.99 -2.36
C SER A 46 31.36 31.27 -1.12
C SER A 46 31.37 31.28 -1.13
N PRO A 47 31.78 32.25 -0.29
CA PRO A 47 31.03 32.61 0.91
C PRO A 47 29.60 32.84 0.48
N ASN A 48 28.67 32.29 1.24
CA ASN A 48 27.25 32.35 0.96
C ASN A 48 26.62 32.11 2.31
N GLN A 49 25.31 32.28 2.39
CA GLN A 49 24.57 32.02 3.60
C GLN A 49 23.41 31.13 3.15
N GLN A 50 23.66 30.45 2.03
CA GLN A 50 22.68 29.55 1.42
C GLN A 50 22.84 28.11 1.94
N ARG A 51 22.24 27.15 1.24
CA ARG A 51 22.28 25.74 1.66
C ARG A 51 23.66 25.15 1.86
N ILE A 52 24.58 25.47 0.95
CA ILE A 52 25.96 25.02 1.05
C ILE A 52 26.67 26.30 1.42
N SER A 53 26.70 26.56 2.72
CA SER A 53 27.30 27.76 3.28
C SER A 53 28.80 27.73 3.52
N VAL A 54 29.45 28.85 3.25
CA VAL A 54 30.88 29.01 3.49
C VAL A 54 30.99 30.33 4.23
N VAL A 55 31.59 30.28 5.42
CA VAL A 55 31.73 31.47 6.26
C VAL A 55 33.15 31.77 6.70
N TRP A 56 33.62 32.97 6.39
CA TRP A 56 34.95 33.42 6.77
C TRP A 56 34.86 33.73 8.28
N ASN A 57 35.70 33.07 9.07
CA ASN A 57 35.69 33.28 10.53
C ASN A 57 36.74 34.27 11.00
N ASP A 58 37.97 34.06 10.56
CA ASP A 58 39.08 34.94 10.90
C ASP A 58 40.18 34.71 9.87
N ASP A 59 41.36 35.29 10.10
CA ASP A 59 42.45 35.14 9.14
C ASP A 59 42.91 33.70 8.95
N ASP A 60 42.70 32.86 9.96
CA ASP A 60 43.14 31.47 9.92
C ASP A 60 42.09 30.41 9.69
N SER A 61 40.83 30.79 9.54
CA SER A 61 39.81 29.75 9.36
C SER A 61 38.52 30.13 8.67
N SER A 62 37.95 29.13 8.00
N SER A 62 37.94 29.13 7.99
CA SER A 62 36.70 29.27 7.27
CA SER A 62 36.68 29.29 7.28
C SER A 62 35.85 28.02 7.55
C SER A 62 35.86 28.03 7.55
N THR A 63 34.54 28.20 7.64
CA THR A 63 33.66 27.06 7.91
C THR A 63 32.66 26.71 6.82
N LEU A 64 32.62 25.42 6.49
CA LEU A 64 31.68 24.93 5.49
C LEU A 64 30.52 24.29 6.23
N THR A 65 29.30 24.70 5.91
CA THR A 65 28.15 24.08 6.55
C THR A 65 27.23 23.53 5.45
N ILE A 66 26.86 22.27 5.59
CA ILE A 66 25.97 21.65 4.64
C ILE A 66 24.63 21.45 5.34
N TYR A 67 23.63 22.24 4.94
CA TYR A 67 22.29 22.16 5.52
C TYR A 67 21.37 21.28 4.67
N ASN A 68 20.35 20.68 5.30
CA ASN A 68 19.39 19.85 4.59
C ASN A 68 20.09 18.96 3.56
N ALA A 69 21.04 18.18 4.05
CA ALA A 69 21.85 17.31 3.20
C ALA A 69 21.08 16.31 2.34
N ASN A 70 21.54 16.15 1.11
CA ASN A 70 20.95 15.19 0.20
C ASN A 70 22.09 14.38 -0.40
N ILE A 71 21.78 13.20 -0.91
CA ILE A 71 22.79 12.30 -1.47
C ILE A 71 23.77 12.91 -2.46
N ASP A 72 23.38 13.96 -3.16
CA ASP A 72 24.29 14.56 -4.12
C ASP A 72 25.35 15.44 -3.45
N ASP A 73 25.27 15.59 -2.12
CA ASP A 73 26.24 16.38 -1.38
C ASP A 73 27.40 15.49 -0.93
N ALA A 74 27.27 14.19 -1.16
CA ALA A 74 28.30 13.24 -0.76
C ALA A 74 29.59 13.41 -1.54
N GLY A 75 30.72 13.11 -0.90
CA GLY A 75 31.99 13.24 -1.57
C GLY A 75 33.07 13.89 -0.74
N ILE A 76 34.25 14.00 -1.33
CA ILE A 76 35.39 14.59 -0.67
C ILE A 76 35.43 16.10 -0.89
N TYR A 77 35.26 16.87 0.19
CA TYR A 77 35.32 18.31 0.08
C TYR A 77 36.76 18.70 0.39
N LYS A 78 37.21 19.80 -0.20
CA LYS A 78 38.60 20.21 0.00
C LYS A 78 38.78 21.66 0.47
N CYS A 79 39.66 21.85 1.44
CA CYS A 79 39.98 23.18 1.93
C CYS A 79 41.42 23.47 1.53
N VAL A 80 41.60 24.49 0.70
CA VAL A 80 42.92 24.85 0.23
C VAL A 80 43.35 26.20 0.79
N VAL A 81 44.59 26.28 1.25
CA VAL A 81 45.15 27.51 1.79
C VAL A 81 46.31 27.99 0.91
N THR A 82 46.07 29.05 0.15
CA THR A 82 47.08 29.64 -0.73
C THR A 82 47.75 30.76 0.07
N ALA A 83 49.09 30.74 0.15
CA ALA A 83 49.80 31.75 0.96
C ALA A 83 50.70 32.78 0.26
N GLU A 84 50.42 34.06 0.46
CA GLU A 84 51.24 35.14 -0.09
C GLU A 84 51.79 35.08 -1.55
N ASP A 85 52.58 34.08 -1.95
CA ASP A 85 53.06 34.05 -3.35
C ASP A 85 52.00 33.50 -4.28
N GLY A 86 51.50 32.32 -3.94
CA GLY A 86 50.48 31.65 -4.72
C GLY A 86 50.74 30.16 -4.61
N THR A 87 51.43 29.75 -3.55
CA THR A 87 51.74 28.34 -3.29
C THR A 87 50.60 27.85 -2.42
N GLN A 88 50.29 26.56 -2.43
CA GLN A 88 49.17 26.13 -1.61
C GLN A 88 49.31 24.84 -0.81
N SER A 89 48.45 24.71 0.20
CA SER A 89 48.40 23.56 1.08
C SER A 89 46.92 23.17 1.21
N GLU A 90 46.66 21.88 1.43
CA GLU A 90 45.26 21.42 1.54
C GLU A 90 45.00 20.40 2.65
N ALA A 91 43.71 20.16 2.84
CA ALA A 91 43.18 19.18 3.79
C ALA A 91 41.86 18.78 3.16
N THR A 92 41.45 17.54 3.36
CA THR A 92 40.20 17.07 2.77
C THR A 92 39.34 16.35 3.79
N VAL A 93 38.03 16.37 3.56
CA VAL A 93 37.11 15.70 4.46
C VAL A 93 36.10 14.91 3.65
N ASN A 94 36.02 13.61 3.94
CA ASN A 94 35.09 12.74 3.23
C ASN A 94 33.70 12.82 3.86
N VAL A 95 32.74 13.34 3.09
CA VAL A 95 31.37 13.48 3.56
C VAL A 95 30.42 12.41 3.06
N LYS A 96 29.90 11.62 3.99
CA LYS A 96 28.96 10.56 3.69
C LYS A 96 27.53 10.99 4.02
N ILE A 97 26.59 10.65 3.15
CA ILE A 97 25.19 10.99 3.36
C ILE A 97 24.54 9.69 3.82
N PHE A 98 23.95 9.71 5.01
CA PHE A 98 23.34 8.52 5.57
C PHE A 98 21.82 8.47 5.59
N GLN A 99 21.26 7.47 4.93
CA GLN A 99 19.81 7.29 4.91
C GLN A 99 19.46 6.16 5.87
N LYS A 100 18.86 6.51 7.00
CA LYS A 100 18.49 5.49 7.97
C LYS A 100 17.34 4.67 7.43
N LEU A 101 17.18 3.47 7.97
CA LEU A 101 16.13 2.57 7.55
C LEU A 101 14.76 3.24 7.71
N MET A 102 14.16 3.62 6.58
CA MET A 102 12.86 4.29 6.63
C MET A 102 11.94 3.90 5.47
N PHE A 103 10.70 4.39 5.53
CA PHE A 103 9.72 4.10 4.50
C PHE A 103 9.33 5.36 3.71
N LYS A 104 9.64 5.34 2.42
CA LYS A 104 9.32 6.44 1.53
C LYS A 104 7.82 6.46 1.26
N ASN A 105 7.24 5.27 1.14
CA ASN A 105 5.81 5.12 0.91
C ASN A 105 5.33 3.85 1.60
N ALA A 106 4.15 3.94 2.22
CA ALA A 106 3.55 2.81 2.88
C ALA A 106 2.07 3.15 3.09
N PRO A 107 1.35 3.38 1.99
CA PRO A 107 -0.06 3.74 1.93
C PRO A 107 -0.92 2.84 2.80
N THR A 108 -1.92 3.43 3.43
CA THR A 108 -2.83 2.68 4.26
C THR A 108 -4.12 3.48 4.38
N PRO A 109 -5.26 2.83 4.18
CA PRO A 109 -5.29 1.39 3.87
C PRO A 109 -5.04 1.23 2.38
N GLN A 110 -4.95 -0.04 1.97
CA GLN A 110 -4.80 -0.38 0.57
C GLN A 110 -5.93 -1.35 0.28
N GLU A 111 -6.76 -1.00 -0.70
CA GLU A 111 -7.92 -1.82 -1.05
C GLU A 111 -7.74 -2.60 -2.33
N PHE A 112 -8.25 -3.82 -2.34
CA PHE A 112 -8.17 -4.67 -3.51
C PHE A 112 -9.49 -5.39 -3.70
N LYS A 113 -9.78 -5.77 -4.94
N LYS A 113 -9.78 -5.77 -4.93
CA LYS A 113 -11.02 -6.46 -5.24
CA LYS A 113 -11.02 -6.48 -5.24
C LYS A 113 -10.78 -7.96 -5.07
C LYS A 113 -10.78 -7.98 -5.07
N GLU A 114 -11.66 -8.63 -4.33
CA GLU A 114 -11.53 -10.07 -4.09
C GLU A 114 -11.40 -10.82 -5.41
N GLY A 115 -10.50 -11.79 -5.44
CA GLY A 115 -10.27 -12.55 -6.66
C GLY A 115 -9.18 -11.93 -7.50
N GLU A 116 -8.86 -10.68 -7.21
CA GLU A 116 -7.81 -10.00 -7.97
C GLU A 116 -6.45 -10.28 -7.37
N ASP A 117 -5.40 -10.17 -8.17
CA ASP A 117 -4.06 -10.37 -7.67
C ASP A 117 -3.71 -9.02 -7.04
N ALA A 118 -3.51 -9.02 -5.73
CA ALA A 118 -3.21 -7.79 -5.02
C ALA A 118 -1.72 -7.55 -4.82
N VAL A 119 -1.30 -6.30 -4.97
CA VAL A 119 0.09 -5.94 -4.76
C VAL A 119 0.10 -4.89 -3.67
N ILE A 120 0.62 -5.25 -2.50
CA ILE A 120 0.68 -4.32 -1.38
C ILE A 120 1.95 -3.49 -1.49
N VAL A 121 1.78 -2.18 -1.63
CA VAL A 121 2.90 -1.27 -1.79
C VAL A 121 3.66 -0.89 -0.52
N CYS A 122 4.97 -1.07 -0.55
CA CYS A 122 5.85 -0.70 0.56
C CYS A 122 7.23 -0.34 0.01
N ASP A 123 7.56 0.96 0.01
CA ASP A 123 8.85 1.44 -0.48
C ASP A 123 9.80 1.73 0.68
N VAL A 124 10.81 0.89 0.83
N VAL A 124 10.81 0.89 0.83
CA VAL A 124 11.79 1.04 1.90
CA VAL A 124 11.78 1.05 1.90
C VAL A 124 13.08 1.65 1.37
C VAL A 124 13.08 1.65 1.37
N VAL A 125 13.65 2.56 2.14
CA VAL A 125 14.91 3.19 1.75
C VAL A 125 15.89 3.03 2.91
N SER A 126 17.16 2.83 2.58
CA SER A 126 18.19 2.61 3.59
C SER A 126 19.56 2.59 2.91
N SER A 127 20.55 3.26 3.49
CA SER A 127 21.88 3.25 2.88
C SER A 127 22.40 1.81 2.93
N LEU A 128 22.13 1.14 4.03
CA LEU A 128 22.52 -0.26 4.17
C LEU A 128 21.35 -1.16 3.78
N PRO A 129 21.58 -2.08 2.85
CA PRO A 129 20.53 -3.00 2.39
C PRO A 129 19.96 -3.79 3.56
N PRO A 130 18.62 -3.75 3.73
CA PRO A 130 17.97 -4.48 4.82
C PRO A 130 17.34 -5.77 4.29
N THR A 131 16.77 -6.55 5.21
CA THR A 131 16.06 -7.76 4.84
C THR A 131 14.61 -7.44 5.21
N ILE A 132 13.67 -7.88 4.39
CA ILE A 132 12.26 -7.60 4.64
C ILE A 132 11.43 -8.81 5.06
N ILE A 133 10.53 -8.57 6.02
CA ILE A 133 9.63 -9.62 6.48
C ILE A 133 8.23 -9.02 6.41
N TRP A 134 7.28 -9.78 5.88
CA TRP A 134 5.90 -9.32 5.80
C TRP A 134 5.13 -10.15 6.82
N LYS A 135 4.26 -9.48 7.58
CA LYS A 135 3.45 -10.18 8.57
C LYS A 135 1.99 -9.85 8.37
N HIS A 136 1.14 -10.78 8.79
CA HIS A 136 -0.30 -10.62 8.72
C HIS A 136 -0.77 -10.96 10.13
N LYS A 137 -1.41 -10.00 10.79
CA LYS A 137 -1.87 -10.21 12.16
C LYS A 137 -0.68 -10.47 13.07
N GLY A 138 0.48 -9.93 12.70
CA GLY A 138 1.68 -10.09 13.49
C GLY A 138 2.48 -11.37 13.25
N ARG A 139 2.00 -12.20 12.34
CA ARG A 139 2.65 -13.48 12.05
C ARG A 139 3.29 -13.49 10.66
N ASP A 140 4.55 -13.91 10.56
CA ASP A 140 5.26 -13.96 9.28
C ASP A 140 4.38 -14.65 8.23
N VAL A 141 4.17 -14.01 7.09
CA VAL A 141 3.32 -14.59 6.05
C VAL A 141 3.80 -15.93 5.48
N ILE A 142 5.09 -16.23 5.59
CA ILE A 142 5.55 -17.51 5.05
C ILE A 142 4.99 -18.67 5.88
N LEU A 143 4.54 -18.40 7.10
CA LEU A 143 4.00 -19.46 7.93
C LEU A 143 2.68 -19.99 7.39
N LYS A 144 2.08 -19.25 6.46
CA LYS A 144 0.82 -19.66 5.85
C LYS A 144 1.11 -20.82 4.89
N LYS A 145 2.33 -20.85 4.36
CA LYS A 145 2.73 -21.89 3.42
C LYS A 145 1.70 -21.93 2.28
N ASP A 146 1.38 -20.72 1.81
CA ASP A 146 0.41 -20.48 0.75
C ASP A 146 1.11 -19.89 -0.47
N VAL A 147 1.11 -20.62 -1.58
CA VAL A 147 1.79 -20.13 -2.79
C VAL A 147 1.22 -18.85 -3.38
N ARG A 148 0.08 -18.38 -2.87
CA ARG A 148 -0.50 -17.15 -3.38
C ARG A 148 0.26 -15.94 -2.84
N PHE A 149 1.00 -16.14 -1.75
CA PHE A 149 1.77 -15.05 -1.15
C PHE A 149 3.19 -15.04 -1.65
N ILE A 150 3.58 -13.97 -2.32
CA ILE A 150 4.91 -13.85 -2.88
C ILE A 150 5.49 -12.47 -2.61
N VAL A 151 6.70 -12.43 -2.08
CA VAL A 151 7.35 -11.16 -1.85
C VAL A 151 8.09 -10.80 -3.15
N LEU A 152 7.69 -9.70 -3.77
CA LEU A 152 8.29 -9.25 -5.02
C LEU A 152 9.70 -8.71 -4.82
N SER A 153 10.44 -8.61 -5.91
CA SER A 153 11.82 -8.12 -5.89
C SER A 153 11.98 -6.73 -5.28
N ASN A 154 10.93 -5.92 -5.34
CA ASN A 154 10.96 -4.57 -4.78
C ASN A 154 10.37 -4.53 -3.38
N ASN A 155 10.23 -5.71 -2.76
CA ASN A 155 9.70 -5.82 -1.41
C ASN A 155 8.17 -5.75 -1.32
N TYR A 156 7.50 -5.45 -2.42
CA TYR A 156 6.04 -5.41 -2.38
C TYR A 156 5.53 -6.83 -2.11
N LEU A 157 4.39 -6.94 -1.44
CA LEU A 157 3.80 -8.24 -1.15
C LEU A 157 2.65 -8.47 -2.10
N GLN A 158 2.75 -9.53 -2.89
CA GLN A 158 1.72 -9.88 -3.84
C GLN A 158 0.89 -11.03 -3.27
N ILE A 159 -0.43 -10.88 -3.36
CA ILE A 159 -1.32 -11.94 -2.90
C ILE A 159 -2.22 -12.27 -4.08
N ARG A 160 -1.94 -13.39 -4.74
CA ARG A 160 -2.72 -13.81 -5.89
C ARG A 160 -4.13 -14.22 -5.48
N GLY A 161 -5.11 -13.83 -6.29
CA GLY A 161 -6.50 -14.17 -6.00
C GLY A 161 -6.82 -13.91 -4.54
N ILE A 162 -6.61 -12.67 -4.12
CA ILE A 162 -6.85 -12.30 -2.73
C ILE A 162 -8.26 -12.66 -2.30
N LYS A 163 -8.36 -13.24 -1.11
CA LYS A 163 -9.63 -13.68 -0.52
C LYS A 163 -10.04 -12.72 0.59
N LYS A 164 -11.32 -12.74 0.95
CA LYS A 164 -11.82 -11.89 2.02
C LYS A 164 -11.06 -12.18 3.30
N THR A 165 -10.75 -13.46 3.50
CA THR A 165 -10.02 -13.94 4.67
C THR A 165 -8.55 -13.48 4.73
N ASP A 166 -8.08 -12.85 3.65
CA ASP A 166 -6.70 -12.36 3.62
C ASP A 166 -6.64 -10.91 4.12
N GLU A 167 -7.81 -10.32 4.35
CA GLU A 167 -7.90 -8.92 4.81
C GLU A 167 -7.27 -8.80 6.21
N GLY A 168 -6.92 -7.57 6.58
CA GLY A 168 -6.34 -7.39 7.90
C GLY A 168 -5.10 -6.52 7.92
N THR A 169 -4.45 -6.48 9.07
CA THR A 169 -3.24 -5.68 9.25
C THR A 169 -1.99 -6.40 8.78
N TYR A 170 -1.29 -5.79 7.84
CA TYR A 170 -0.04 -6.36 7.36
C TYR A 170 1.08 -5.45 7.83
N ARG A 171 2.19 -6.04 8.20
CA ARG A 171 3.32 -5.26 8.63
C ARG A 171 4.47 -5.47 7.66
N CYS A 172 4.99 -4.37 7.14
CA CYS A 172 6.12 -4.38 6.23
C CYS A 172 7.26 -4.03 7.18
N GLU A 173 8.05 -5.04 7.56
CA GLU A 173 9.15 -4.87 8.50
C GLU A 173 10.53 -5.00 7.88
N GLY A 174 11.40 -4.03 8.17
CA GLY A 174 12.74 -4.07 7.63
C GLY A 174 13.73 -4.19 8.78
N ARG A 175 14.79 -4.96 8.57
CA ARG A 175 15.84 -5.16 9.57
C ARG A 175 17.22 -5.12 8.90
N ILE A 176 18.21 -4.69 9.68
CA ILE A 176 19.60 -4.66 9.24
C ILE A 176 20.28 -5.43 10.37
N LEU A 177 20.38 -6.74 10.21
CA LEU A 177 20.97 -7.60 11.23
C LEU A 177 22.33 -7.15 11.72
N ALA A 178 23.21 -6.80 10.79
CA ALA A 178 24.56 -6.35 11.11
C ALA A 178 24.59 -5.24 12.14
N ARG A 179 23.57 -4.40 12.13
CA ARG A 179 23.50 -3.28 13.06
C ARG A 179 22.43 -3.43 14.12
N GLY A 180 21.65 -4.50 14.03
CA GLY A 180 20.58 -4.71 14.99
C GLY A 180 19.52 -3.63 14.87
N GLU A 181 19.35 -3.10 13.67
CA GLU A 181 18.36 -2.05 13.42
C GLU A 181 17.07 -2.59 12.82
N ILE A 182 15.96 -1.92 13.13
CA ILE A 182 14.67 -2.34 12.63
C ILE A 182 13.68 -1.19 12.52
N ASN A 183 12.76 -1.29 11.57
CA ASN A 183 11.72 -0.28 11.41
C ASN A 183 10.55 -0.98 10.73
N PHE A 184 9.36 -0.41 10.84
CA PHE A 184 8.19 -1.05 10.23
C PHE A 184 7.06 -0.07 9.98
N LYS A 185 6.05 -0.54 9.25
CA LYS A 185 4.86 0.24 8.95
C LYS A 185 3.70 -0.72 8.82
N ASP A 186 2.60 -0.43 9.53
CA ASP A 186 1.42 -1.29 9.43
C ASP A 186 0.51 -0.76 8.34
N ILE A 187 0.04 -1.68 7.52
CA ILE A 187 -0.84 -1.36 6.40
C ILE A 187 -2.15 -2.13 6.48
N GLN A 188 -3.27 -1.40 6.52
CA GLN A 188 -4.57 -2.04 6.56
C GLN A 188 -4.96 -2.48 5.18
N VAL A 189 -5.18 -3.78 5.01
CA VAL A 189 -5.58 -4.32 3.74
C VAL A 189 -7.07 -4.62 3.76
N ILE A 190 -7.79 -4.02 2.82
CA ILE A 190 -9.23 -4.19 2.71
C ILE A 190 -9.54 -4.95 1.43
N VAL A 191 -10.49 -5.88 1.51
CA VAL A 191 -10.87 -6.68 0.35
C VAL A 191 -12.31 -6.37 -0.07
N ARG B 1 28.45 -29.63 27.41
CA ARG B 1 28.38 -28.18 27.05
C ARG B 1 28.05 -27.39 28.33
N VAL B 2 28.96 -26.51 28.72
CA VAL B 2 28.74 -25.67 29.89
C VAL B 2 27.75 -24.62 29.43
N LEU B 3 26.65 -24.48 30.17
CA LEU B 3 25.61 -23.52 29.81
C LEU B 3 26.18 -22.11 29.65
N GLN B 4 25.91 -21.48 28.51
CA GLN B 4 26.40 -20.12 28.30
C GLN B 4 25.36 -19.30 27.54
N VAL B 5 25.38 -17.99 27.77
CA VAL B 5 24.44 -17.09 27.13
C VAL B 5 25.16 -15.81 26.69
N ASP B 6 24.78 -15.30 25.53
CA ASP B 6 25.38 -14.09 24.98
C ASP B 6 24.31 -13.26 24.29
N ILE B 7 24.57 -11.97 24.19
CA ILE B 7 23.61 -11.07 23.53
C ILE B 7 24.30 -10.41 22.35
N VAL B 8 23.62 -10.42 21.21
CA VAL B 8 24.16 -9.84 20.00
C VAL B 8 23.15 -8.90 19.36
N PRO B 9 23.53 -7.63 19.17
CA PRO B 9 24.82 -7.02 19.46
C PRO B 9 25.10 -7.03 20.97
N SER B 10 26.37 -7.07 21.35
CA SER B 10 26.76 -7.11 22.76
C SER B 10 26.49 -5.81 23.53
N GLN B 11 26.13 -4.76 22.81
CA GLN B 11 25.82 -3.46 23.40
C GLN B 11 25.06 -2.66 22.36
N GLY B 12 24.54 -1.50 22.73
CA GLY B 12 23.82 -0.72 21.75
C GLY B 12 23.50 0.69 22.16
N GLU B 13 23.29 1.54 21.17
CA GLU B 13 22.94 2.92 21.40
C GLU B 13 21.82 3.20 20.42
N ILE B 14 20.65 3.54 20.92
CA ILE B 14 19.51 3.79 20.06
C ILE B 14 19.20 5.27 20.10
N SER B 15 18.97 5.85 18.91
CA SER B 15 18.63 7.27 18.83
C SER B 15 17.17 7.40 19.20
N VAL B 16 16.83 8.46 19.93
CA VAL B 16 15.44 8.69 20.33
C VAL B 16 14.49 8.54 19.14
N GLY B 17 13.44 7.75 19.32
CA GLY B 17 12.46 7.55 18.26
C GLY B 17 12.77 6.44 17.26
N GLU B 18 13.97 5.90 17.33
CA GLU B 18 14.35 4.82 16.43
C GLU B 18 14.26 3.50 17.17
N SER B 19 14.53 2.39 16.48
CA SER B 19 14.39 1.08 17.08
C SER B 19 15.54 0.11 16.83
N LYS B 20 15.80 -0.71 17.84
CA LYS B 20 16.87 -1.70 17.73
C LYS B 20 16.52 -2.95 18.51
N PHE B 21 17.10 -4.07 18.10
CA PHE B 21 16.85 -5.34 18.75
C PHE B 21 18.13 -5.99 19.19
N PHE B 22 18.00 -6.89 20.17
CA PHE B 22 19.14 -7.59 20.71
C PHE B 22 18.73 -9.05 20.85
N LEU B 23 19.58 -9.95 20.35
CA LEU B 23 19.30 -11.37 20.41
C LEU B 23 20.01 -12.05 21.55
N CYS B 24 19.24 -12.73 22.40
CA CYS B 24 19.83 -13.48 23.51
C CYS B 24 19.99 -14.88 22.94
N GLN B 25 21.25 -15.30 22.78
CA GLN B 25 21.58 -16.60 22.23
C GLN B 25 22.13 -17.52 23.30
N VAL B 26 21.53 -18.69 23.42
CA VAL B 26 21.96 -19.65 24.42
C VAL B 26 22.73 -20.80 23.81
N ALA B 27 23.67 -21.33 24.58
CA ALA B 27 24.48 -22.47 24.17
C ALA B 27 24.45 -23.41 25.38
N GLY B 28 23.55 -24.37 25.36
CA GLY B 28 23.43 -25.32 26.45
C GLY B 28 23.11 -26.68 25.87
N ASP B 29 22.16 -27.38 26.50
CA ASP B 29 21.76 -28.70 26.02
C ASP B 29 20.87 -28.58 24.78
N ALA B 30 20.38 -29.71 24.29
CA ALA B 30 19.52 -29.70 23.11
C ALA B 30 18.04 -29.80 23.48
N LYS B 31 17.71 -29.44 24.71
CA LYS B 31 16.33 -29.51 25.15
C LYS B 31 15.67 -28.14 25.19
N ASP B 32 14.51 -28.13 25.84
CA ASP B 32 13.74 -26.91 26.01
C ASP B 32 14.28 -26.20 27.25
N LYS B 33 14.16 -24.89 27.26
CA LYS B 33 14.62 -24.10 28.38
C LYS B 33 13.76 -22.84 28.47
N ASP B 34 14.02 -22.04 29.50
CA ASP B 34 13.30 -20.79 29.69
C ASP B 34 14.27 -19.64 29.52
N ILE B 35 13.91 -18.70 28.65
CA ILE B 35 14.75 -17.54 28.42
C ILE B 35 13.89 -16.35 28.79
N SER B 36 14.32 -15.59 29.79
CA SER B 36 13.58 -14.44 30.26
C SER B 36 14.41 -13.17 30.25
N TRP B 37 13.78 -12.08 29.83
CA TRP B 37 14.46 -10.79 29.80
C TRP B 37 14.00 -9.94 30.98
N PHE B 38 14.89 -9.11 31.47
CA PHE B 38 14.59 -8.22 32.58
C PHE B 38 15.03 -6.80 32.24
N SER B 39 14.20 -5.81 32.56
CA SER B 39 14.53 -4.43 32.29
C SER B 39 15.51 -3.91 33.35
N PRO B 40 16.11 -2.74 33.12
CA PRO B 40 17.07 -2.10 34.04
C PRO B 40 16.68 -2.07 35.52
N ASN B 41 15.38 -1.97 35.80
CA ASN B 41 14.93 -1.93 37.20
C ASN B 41 14.97 -3.30 37.87
N GLY B 42 15.36 -4.32 37.11
CA GLY B 42 15.43 -5.65 37.66
C GLY B 42 14.13 -6.46 37.56
N GLU B 43 13.16 -5.89 36.86
CA GLU B 43 11.86 -6.55 36.69
C GLU B 43 11.76 -7.30 35.38
N LYS B 44 11.06 -8.43 35.41
CA LYS B 44 10.88 -9.28 34.23
C LYS B 44 9.99 -8.63 33.17
N LEU B 45 10.36 -8.80 31.91
CA LEU B 45 9.59 -8.24 30.81
C LEU B 45 8.66 -9.29 30.22
N SER B 46 7.38 -8.95 30.14
N SER B 46 7.37 -8.95 30.13
CA SER B 46 6.39 -9.86 29.59
CA SER B 46 6.39 -9.87 29.58
C SER B 46 6.55 -9.93 28.07
C SER B 46 6.55 -9.93 28.07
N PRO B 47 6.44 -11.13 27.48
CA PRO B 47 6.58 -11.31 26.03
C PRO B 47 5.40 -10.79 25.21
N ASN B 48 5.69 -10.55 23.94
CA ASN B 48 4.71 -10.12 22.95
C ASN B 48 3.99 -8.78 23.15
N GLN B 49 4.65 -7.84 23.82
CA GLN B 49 4.08 -6.51 24.02
C GLN B 49 4.56 -5.74 22.79
N GLN B 50 3.85 -4.68 22.40
CA GLN B 50 4.25 -3.99 21.18
C GLN B 50 5.41 -2.98 21.15
N ARG B 51 5.73 -2.31 22.26
CA ARG B 51 6.84 -1.35 22.20
C ARG B 51 8.15 -1.91 22.74
N ILE B 52 8.13 -2.44 23.96
CA ILE B 52 9.31 -3.07 24.53
C ILE B 52 8.97 -4.52 24.32
N SER B 53 9.44 -5.04 23.18
CA SER B 53 9.16 -6.38 22.71
C SER B 53 10.10 -7.53 23.06
N VAL B 54 9.53 -8.60 23.57
CA VAL B 54 10.28 -9.82 23.90
C VAL B 54 9.61 -10.94 23.12
N VAL B 55 10.33 -11.49 22.15
CA VAL B 55 9.77 -12.55 21.30
C VAL B 55 10.62 -13.81 21.33
N TRP B 56 9.95 -14.96 21.45
CA TRP B 56 10.60 -16.26 21.49
C TRP B 56 10.89 -16.68 20.05
N ASN B 57 12.15 -16.99 19.74
CA ASN B 57 12.51 -17.41 18.38
C ASN B 57 12.59 -18.93 18.30
N ASP B 58 13.39 -19.51 19.19
CA ASP B 58 13.53 -20.97 19.27
C ASP B 58 14.01 -21.35 20.66
N ASP B 59 14.26 -22.64 20.90
CA ASP B 59 14.69 -23.08 22.23
C ASP B 59 15.90 -22.35 22.78
N ASP B 60 16.79 -21.89 21.90
CA ASP B 60 18.00 -21.22 22.35
C ASP B 60 18.08 -19.73 22.13
N SER B 61 16.97 -19.08 21.82
CA SER B 61 17.06 -17.64 21.61
C SER B 61 15.76 -16.88 21.72
N SER B 62 15.87 -15.68 22.29
CA SER B 62 14.76 -14.77 22.48
C SER B 62 15.26 -13.40 22.06
N THR B 63 14.41 -12.63 21.40
CA THR B 63 14.81 -11.31 20.95
C THR B 63 14.13 -10.17 21.69
N LEU B 64 14.94 -9.19 22.10
CA LEU B 64 14.45 -8.01 22.77
C LEU B 64 14.48 -6.86 21.77
N THR B 65 13.33 -6.23 21.56
CA THR B 65 13.28 -5.11 20.63
C THR B 65 12.72 -3.89 21.34
N ILE B 66 13.48 -2.79 21.32
CA ILE B 66 13.05 -1.55 21.91
C ILE B 66 12.65 -0.65 20.74
N TYR B 67 11.35 -0.50 20.53
CA TYR B 67 10.83 0.34 19.46
C TYR B 67 10.58 1.76 19.95
N ASN B 68 10.67 2.72 19.02
CA ASN B 68 10.42 4.12 19.33
C ASN B 68 11.03 4.49 20.68
N ALA B 69 12.33 4.30 20.78
CA ALA B 69 13.10 4.56 21.99
C ALA B 69 12.97 5.98 22.56
N ASN B 70 13.03 6.05 23.88
CA ASN B 70 13.00 7.33 24.60
C ASN B 70 14.09 7.19 25.66
N ILE B 71 14.59 8.31 26.19
CA ILE B 71 15.67 8.27 27.17
C ILE B 71 15.46 7.38 28.39
N ASP B 72 14.22 7.11 28.77
CA ASP B 72 13.98 6.26 29.92
C ASP B 72 14.12 4.76 29.60
N ASP B 73 14.48 4.43 28.36
CA ASP B 73 14.67 3.04 27.98
C ASP B 73 16.14 2.66 28.20
N ALA B 74 16.97 3.66 28.49
CA ALA B 74 18.39 3.44 28.71
C ALA B 74 18.65 2.58 29.95
N GLY B 75 19.66 1.73 29.88
CA GLY B 75 19.97 0.88 31.02
C GLY B 75 20.56 -0.47 30.66
N ILE B 76 20.93 -1.23 31.68
CA ILE B 76 21.48 -2.56 31.49
C ILE B 76 20.36 -3.58 31.52
N TYR B 77 20.07 -4.20 30.37
CA TYR B 77 19.02 -5.21 30.31
C TYR B 77 19.68 -6.56 30.55
N LYS B 78 18.93 -7.52 31.09
CA LYS B 78 19.50 -8.83 31.38
C LYS B 78 18.67 -9.98 30.85
N CYS B 79 19.37 -10.97 30.30
CA CYS B 79 18.71 -12.16 29.80
C CYS B 79 19.21 -13.33 30.64
N VAL B 80 18.27 -14.08 31.21
CA VAL B 80 18.60 -15.22 32.05
C VAL B 80 17.96 -16.47 31.47
N VAL B 81 18.76 -17.53 31.32
CA VAL B 81 18.27 -18.78 30.78
C VAL B 81 18.32 -19.84 31.87
N THR B 82 17.22 -20.57 32.03
CA THR B 82 17.12 -21.60 33.03
C THR B 82 16.92 -22.92 32.30
N ALA B 83 17.87 -23.83 32.43
CA ALA B 83 17.76 -25.12 31.78
C ALA B 83 16.73 -25.94 32.53
N GLU B 84 16.38 -27.11 31.97
CA GLU B 84 15.37 -27.94 32.62
C GLU B 84 15.71 -28.34 34.04
N ASP B 85 16.98 -28.65 34.30
CA ASP B 85 17.36 -29.06 35.65
C ASP B 85 17.49 -27.90 36.65
N GLY B 86 17.16 -26.69 36.21
CA GLY B 86 17.23 -25.55 37.11
C GLY B 86 18.47 -24.69 36.97
N THR B 87 19.47 -25.21 36.28
CA THR B 87 20.71 -24.47 36.08
C THR B 87 20.44 -23.16 35.35
N GLN B 88 21.07 -22.08 35.80
CA GLN B 88 20.89 -20.77 35.19
C GLN B 88 22.20 -20.12 34.76
N SER B 89 22.09 -19.21 33.81
CA SER B 89 23.24 -18.48 33.30
C SER B 89 22.64 -17.18 32.77
N GLU B 90 23.42 -16.11 32.72
CA GLU B 90 22.88 -14.85 32.26
C GLU B 90 23.86 -13.99 31.48
N ALA B 91 23.30 -13.03 30.76
CA ALA B 91 24.08 -12.09 29.98
C ALA B 91 23.40 -10.74 30.14
N THR B 92 24.17 -9.67 30.00
CA THR B 92 23.62 -8.34 30.12
C THR B 92 24.04 -7.53 28.92
N VAL B 93 23.25 -6.53 28.59
CA VAL B 93 23.56 -5.67 27.47
C VAL B 93 23.26 -4.24 27.89
N ASN B 94 24.25 -3.37 27.77
CA ASN B 94 24.05 -1.98 28.14
C ASN B 94 23.48 -1.18 26.98
N VAL B 95 22.28 -0.67 27.19
CA VAL B 95 21.60 0.12 26.17
C VAL B 95 21.63 1.62 26.47
N LYS B 96 22.23 2.38 25.57
CA LYS B 96 22.29 3.83 25.74
C LYS B 96 21.26 4.44 24.78
N ILE B 97 20.74 5.61 25.16
CA ILE B 97 19.77 6.32 24.34
C ILE B 97 20.44 7.65 23.97
N PHE B 98 20.43 7.99 22.69
CA PHE B 98 21.06 9.21 22.22
C PHE B 98 20.05 10.20 21.68
N GLN B 99 20.14 11.42 22.17
CA GLN B 99 19.25 12.50 21.75
C GLN B 99 20.07 13.51 20.95
N LYS B 100 19.85 13.55 19.64
CA LYS B 100 20.58 14.52 18.83
C LYS B 100 20.02 15.90 19.16
N LEU B 101 20.71 16.94 18.74
CA LEU B 101 20.28 18.31 19.02
C LEU B 101 18.92 18.64 18.41
N MET B 102 17.94 18.91 19.27
CA MET B 102 16.60 19.23 18.82
C MET B 102 15.98 20.34 19.66
N PHE B 103 14.94 20.96 19.12
CA PHE B 103 14.26 22.03 19.84
C PHE B 103 12.92 21.56 20.38
N LYS B 104 12.89 21.33 21.68
CA LYS B 104 11.67 20.86 22.35
C LYS B 104 10.60 21.93 22.35
N ASN B 105 11.00 23.18 22.54
CA ASN B 105 10.04 24.25 22.56
C ASN B 105 10.63 25.59 22.16
N ALA B 106 10.41 25.95 20.90
CA ALA B 106 10.88 27.21 20.36
C ALA B 106 9.73 27.81 19.57
N PRO B 107 8.69 28.29 20.29
CA PRO B 107 7.48 28.91 19.73
C PRO B 107 7.75 30.07 18.77
N THR B 108 6.91 30.19 17.76
CA THR B 108 6.97 31.27 16.77
C THR B 108 5.57 31.42 16.16
N PRO B 109 5.06 32.66 16.10
CA PRO B 109 5.81 33.83 16.56
C PRO B 109 5.88 33.95 18.07
N GLN B 110 6.68 34.89 18.54
CA GLN B 110 6.82 35.18 19.95
C GLN B 110 6.59 36.67 20.03
N GLU B 111 5.47 37.04 20.64
CA GLU B 111 5.10 38.44 20.74
C GLU B 111 5.56 39.09 22.03
N PHE B 112 5.89 40.38 21.94
CA PHE B 112 6.33 41.08 23.12
C PHE B 112 5.82 42.45 23.42
N LYS B 113 5.88 42.68 24.71
CA LYS B 113 5.48 43.86 25.41
C LYS B 113 6.47 44.98 25.07
N GLU B 114 6.10 45.87 24.17
CA GLU B 114 7.01 46.94 23.80
C GLU B 114 7.48 47.71 25.02
N GLY B 115 8.80 47.88 25.12
CA GLY B 115 9.38 48.60 26.23
C GLY B 115 9.56 47.68 27.41
N GLU B 116 8.93 46.51 27.35
CA GLU B 116 9.06 45.56 28.43
C GLU B 116 10.22 44.64 28.18
N ASP B 117 10.66 43.93 29.21
CA ASP B 117 11.80 43.02 29.10
C ASP B 117 11.44 41.69 28.49
N ALA B 118 11.74 41.56 27.20
CA ALA B 118 11.44 40.36 26.45
C ALA B 118 12.40 39.20 26.74
N VAL B 119 11.87 37.98 26.71
CA VAL B 119 12.67 36.77 26.91
C VAL B 119 12.21 35.77 25.86
N ILE B 120 13.03 35.60 24.83
CA ILE B 120 12.71 34.68 23.74
C ILE B 120 13.02 33.24 24.15
N VAL B 121 11.97 32.42 24.17
CA VAL B 121 12.08 31.02 24.55
C VAL B 121 12.69 30.12 23.48
N CYS B 122 13.61 29.26 23.91
CA CYS B 122 14.26 28.30 23.03
C CYS B 122 14.75 27.17 23.93
N ASP B 123 13.94 26.11 24.01
CA ASP B 123 14.25 24.94 24.83
C ASP B 123 14.93 23.90 23.92
N VAL B 124 16.17 23.57 24.24
CA VAL B 124 16.95 22.60 23.46
C VAL B 124 17.26 21.34 24.24
N VAL B 125 17.18 20.19 23.58
CA VAL B 125 17.50 18.90 24.20
C VAL B 125 18.64 18.34 23.37
N SER B 126 19.56 17.66 24.03
CA SER B 126 20.73 17.11 23.36
C SER B 126 21.56 16.34 24.37
N SER B 127 21.93 15.10 24.05
CA SER B 127 22.75 14.30 24.95
C SER B 127 24.11 14.98 25.17
N LEU B 128 24.62 15.61 24.13
CA LEU B 128 25.91 16.30 24.23
C LEU B 128 25.67 17.80 24.46
N PRO B 129 26.46 18.42 25.35
CA PRO B 129 26.27 19.85 25.64
C PRO B 129 26.40 20.71 24.38
N PRO B 130 25.36 21.47 24.03
CA PRO B 130 25.44 22.29 22.83
C PRO B 130 25.92 23.71 23.14
N THR B 131 26.52 24.35 22.14
CA THR B 131 26.95 25.73 22.31
C THR B 131 25.87 26.50 21.55
N ILE B 132 25.24 27.46 22.23
CA ILE B 132 24.16 28.25 21.66
C ILE B 132 24.59 29.63 21.18
N ILE B 133 24.08 30.02 20.02
CA ILE B 133 24.35 31.34 19.46
C ILE B 133 23.01 31.90 18.96
N TRP B 134 22.73 33.15 19.34
CA TRP B 134 21.52 33.82 18.88
C TRP B 134 21.90 34.77 17.76
N LYS B 135 21.17 34.72 16.66
CA LYS B 135 21.43 35.57 15.53
C LYS B 135 20.22 36.40 15.14
N HIS B 136 20.47 37.58 14.60
CA HIS B 136 19.42 38.45 14.11
C HIS B 136 19.90 38.76 12.70
N LYS B 137 19.11 38.37 11.70
CA LYS B 137 19.48 38.57 10.31
C LYS B 137 20.77 37.82 9.97
N GLY B 138 21.02 36.72 10.70
CA GLY B 138 22.20 35.92 10.44
C GLY B 138 23.47 36.39 11.12
N ARG B 139 23.36 37.44 11.93
CA ARG B 139 24.52 37.99 12.64
C ARG B 139 24.35 37.80 14.15
N ASP B 140 25.40 37.27 14.78
CA ASP B 140 25.42 37.03 16.22
C ASP B 140 24.97 38.30 16.92
N VAL B 141 23.93 38.21 17.76
CA VAL B 141 23.42 39.40 18.44
C VAL B 141 24.45 40.10 19.32
N ILE B 142 25.46 39.35 19.74
N ILE B 142 25.46 39.35 19.74
CA ILE B 142 26.52 39.90 20.59
CA ILE B 142 26.50 39.92 20.59
C ILE B 142 27.26 41.04 19.86
C ILE B 142 27.25 41.04 19.87
N LEU B 143 27.21 41.02 18.54
CA LEU B 143 27.89 42.04 17.74
C LEU B 143 27.14 43.36 17.65
N LYS B 144 25.89 43.36 18.11
CA LYS B 144 25.11 44.58 18.10
C LYS B 144 25.72 45.54 19.11
N LYS B 145 26.56 44.99 19.99
CA LYS B 145 27.22 45.77 21.03
C LYS B 145 26.18 46.56 21.82
N ASP B 146 25.08 45.88 22.14
CA ASP B 146 23.97 46.48 22.88
C ASP B 146 23.80 45.74 24.21
N VAL B 147 24.02 46.43 25.32
N VAL B 147 24.01 46.44 25.32
CA VAL B 147 23.91 45.83 26.65
CA VAL B 147 23.92 45.86 26.65
C VAL B 147 22.54 45.21 26.92
C VAL B 147 22.55 45.23 26.92
N ARG B 148 21.54 45.65 26.17
CA ARG B 148 20.18 45.13 26.34
C ARG B 148 20.03 43.66 25.96
N PHE B 149 20.90 43.17 25.09
CA PHE B 149 20.85 41.77 24.64
C PHE B 149 21.73 40.87 25.51
N ILE B 150 21.11 39.91 26.17
CA ILE B 150 21.84 38.98 27.03
C ILE B 150 21.34 37.55 26.83
N VAL B 151 22.26 36.64 26.54
CA VAL B 151 21.89 35.25 26.38
C VAL B 151 21.89 34.62 27.77
N LEU B 152 20.74 34.08 28.18
CA LEU B 152 20.62 33.47 29.49
C LEU B 152 21.17 32.05 29.54
N SER B 153 21.50 31.58 30.74
CA SER B 153 22.06 30.25 30.91
C SER B 153 21.16 29.12 30.45
N ASN B 154 19.86 29.38 30.32
CA ASN B 154 18.93 28.37 29.83
C ASN B 154 18.76 28.51 28.32
N ASN B 155 19.67 29.26 27.71
CA ASN B 155 19.67 29.50 26.26
C ASN B 155 18.64 30.49 25.74
N TYR B 156 17.82 31.05 26.63
CA TYR B 156 16.82 32.02 26.18
C TYR B 156 17.54 33.33 25.93
N LEU B 157 16.98 34.13 25.03
CA LEU B 157 17.55 35.43 24.72
C LEU B 157 16.72 36.54 25.37
N GLN B 158 17.38 37.32 26.21
CA GLN B 158 16.72 38.43 26.88
C GLN B 158 17.01 39.74 26.17
N ILE B 159 15.97 40.53 25.92
CA ILE B 159 16.14 41.84 25.27
C ILE B 159 15.43 42.81 26.20
N ARG B 160 16.22 43.46 27.07
CA ARG B 160 15.61 44.40 28.01
C ARG B 160 15.07 45.61 27.26
N GLY B 161 13.93 46.13 27.71
CA GLY B 161 13.30 47.28 27.09
C GLY B 161 13.22 47.16 25.58
N ILE B 162 12.58 46.10 25.11
CA ILE B 162 12.49 45.85 23.67
C ILE B 162 11.77 46.94 22.88
N LYS B 163 12.29 47.23 21.69
CA LYS B 163 11.71 48.25 20.80
C LYS B 163 11.30 47.61 19.48
N LYS B 164 10.56 48.34 18.66
CA LYS B 164 10.11 47.83 17.36
C LYS B 164 11.27 47.54 16.40
N THR B 165 12.34 48.32 16.49
CA THR B 165 13.46 48.08 15.59
C THR B 165 14.24 46.84 16.01
N ASP B 166 13.73 46.17 17.04
CA ASP B 166 14.35 44.95 17.55
C ASP B 166 13.62 43.75 16.94
N GLU B 167 12.45 44.02 16.38
CA GLU B 167 11.60 42.97 15.78
C GLU B 167 12.30 42.32 14.60
N GLY B 168 11.86 41.12 14.26
CA GLY B 168 12.48 40.43 13.14
C GLY B 168 12.71 38.96 13.41
N THR B 169 13.53 38.35 12.57
N THR B 169 13.53 38.35 12.57
CA THR B 169 13.84 36.94 12.70
CA THR B 169 13.83 36.94 12.70
C THR B 169 15.07 36.71 13.56
C THR B 169 15.07 36.70 13.55
N TYR B 170 14.90 35.93 14.62
CA TYR B 170 15.98 35.59 15.49
C TYR B 170 16.16 34.10 15.38
N ARG B 171 17.38 33.68 15.13
CA ARG B 171 17.66 32.26 15.00
C ARG B 171 18.36 31.79 16.26
N CYS B 172 17.86 30.70 16.81
CA CYS B 172 18.44 30.07 18.01
C CYS B 172 19.24 28.94 17.40
N GLU B 173 20.57 29.08 17.40
CA GLU B 173 21.44 28.09 16.78
C GLU B 173 22.27 27.27 17.76
N GLY B 174 22.19 25.95 17.61
CA GLY B 174 22.94 25.06 18.47
C GLY B 174 23.96 24.26 17.68
N ARG B 175 25.17 24.17 18.22
CA ARG B 175 26.25 23.43 17.58
C ARG B 175 26.90 22.50 18.60
N ILE B 176 27.52 21.43 18.13
CA ILE B 176 28.25 20.53 19.02
C ILE B 176 29.67 20.65 18.50
N LEU B 177 30.45 21.50 19.16
CA LEU B 177 31.82 21.78 18.76
C LEU B 177 32.70 20.54 18.55
N ALA B 178 33.51 20.60 17.51
CA ALA B 178 34.45 19.52 17.15
C ALA B 178 33.79 18.25 16.61
N ARG B 179 32.48 18.21 16.60
CA ARG B 179 31.75 17.05 16.09
C ARG B 179 30.97 17.44 14.84
N GLY B 180 30.80 18.74 14.64
CA GLY B 180 30.10 19.24 13.49
C GLY B 180 28.58 19.27 13.47
N GLU B 181 27.93 18.80 14.54
CA GLU B 181 26.46 18.83 14.55
C GLU B 181 25.94 20.24 14.75
N ILE B 182 24.92 20.58 13.99
CA ILE B 182 24.33 21.89 14.10
C ILE B 182 22.85 21.80 13.78
N ASN B 183 22.03 22.60 14.46
CA ASN B 183 20.61 22.65 14.20
C ASN B 183 20.16 24.04 14.62
N PHE B 184 19.05 24.51 14.09
CA PHE B 184 18.58 25.85 14.44
C PHE B 184 17.08 25.96 14.30
N LYS B 185 16.54 27.01 14.88
CA LYS B 185 15.11 27.27 14.82
C LYS B 185 14.98 28.79 14.65
N ASP B 186 14.31 29.21 13.60
CA ASP B 186 14.10 30.64 13.36
C ASP B 186 12.83 31.05 14.09
N ILE B 187 12.93 32.10 14.89
CA ILE B 187 11.81 32.60 15.66
C ILE B 187 11.47 34.04 15.30
N GLN B 188 10.20 34.27 14.99
CA GLN B 188 9.73 35.60 14.62
C GLN B 188 9.37 36.35 15.89
N VAL B 189 10.16 37.38 16.20
CA VAL B 189 9.89 38.18 17.38
C VAL B 189 9.04 39.37 16.96
N ILE B 190 7.85 39.46 17.54
CA ILE B 190 6.94 40.55 17.22
C ILE B 190 6.78 41.52 18.38
N VAL B 191 6.85 42.82 18.08
CA VAL B 191 6.72 43.85 19.08
C VAL B 191 5.47 44.69 18.79
N VAL C 2 -45.03 -33.08 -31.62
CA VAL C 2 -44.02 -32.13 -31.02
C VAL C 2 -44.26 -31.86 -29.53
N LEU C 3 -43.20 -31.95 -28.73
CA LEU C 3 -43.29 -31.68 -27.30
C LEU C 3 -42.72 -30.29 -27.08
N GLN C 4 -43.38 -29.50 -26.23
CA GLN C 4 -42.91 -28.16 -25.91
C GLN C 4 -41.77 -28.32 -24.92
N VAL C 5 -40.55 -28.00 -25.36
CA VAL C 5 -39.36 -28.08 -24.52
C VAL C 5 -38.74 -26.68 -24.41
N ASP C 6 -38.34 -26.31 -23.21
CA ASP C 6 -37.74 -25.00 -22.97
C ASP C 6 -36.58 -25.11 -21.97
N ILE C 7 -35.67 -24.15 -22.05
CA ILE C 7 -34.52 -24.08 -21.14
C ILE C 7 -34.58 -22.73 -20.44
N VAL C 8 -34.42 -22.75 -19.12
CA VAL C 8 -34.46 -21.53 -18.33
C VAL C 8 -33.25 -21.52 -17.39
N PRO C 9 -32.45 -20.43 -17.41
CA PRO C 9 -32.62 -19.25 -18.27
C PRO C 9 -32.39 -19.52 -19.75
N SER C 10 -33.10 -18.77 -20.61
CA SER C 10 -33.01 -18.96 -22.04
C SER C 10 -31.68 -18.53 -22.64
N GLN C 11 -31.02 -17.54 -22.05
CA GLN C 11 -29.72 -17.14 -22.60
C GLN C 11 -28.60 -17.56 -21.67
N GLY C 12 -27.44 -17.87 -22.25
CA GLY C 12 -26.34 -18.34 -21.44
C GLY C 12 -25.03 -17.59 -21.41
N GLU C 13 -25.00 -16.39 -20.83
CA GLU C 13 -23.74 -15.67 -20.72
C GLU C 13 -23.17 -16.07 -19.38
N ILE C 14 -21.89 -16.43 -19.36
CA ILE C 14 -21.23 -16.82 -18.11
C ILE C 14 -19.86 -16.16 -18.11
N SER C 15 -19.55 -15.40 -17.07
CA SER C 15 -18.26 -14.75 -16.96
C SER C 15 -17.24 -15.82 -16.63
N VAL C 16 -16.06 -15.71 -17.20
CA VAL C 16 -14.99 -16.67 -16.97
C VAL C 16 -14.78 -16.94 -15.48
N GLY C 17 -14.71 -18.21 -15.13
CA GLY C 17 -14.50 -18.58 -13.74
C GLY C 17 -15.77 -18.66 -12.92
N GLU C 18 -16.89 -18.22 -13.50
N GLU C 18 -16.89 -18.22 -13.50
CA GLU C 18 -18.16 -18.26 -12.79
CA GLU C 18 -18.16 -18.25 -12.80
C GLU C 18 -19.01 -19.45 -13.25
C GLU C 18 -19.01 -19.44 -13.25
N SER C 19 -20.05 -19.74 -12.48
CA SER C 19 -20.93 -20.86 -12.79
C SER C 19 -22.37 -20.48 -13.10
N LYS C 20 -23.04 -21.32 -13.87
CA LYS C 20 -24.43 -21.08 -14.24
C LYS C 20 -25.09 -22.41 -14.59
N PHE C 21 -26.39 -22.49 -14.36
CA PHE C 21 -27.11 -23.72 -14.66
C PHE C 21 -28.26 -23.41 -15.61
N PHE C 22 -28.72 -24.46 -16.28
CA PHE C 22 -29.80 -24.33 -17.24
C PHE C 22 -30.77 -25.49 -17.05
N LEU C 23 -32.02 -25.16 -16.79
CA LEU C 23 -33.04 -26.19 -16.57
C LEU C 23 -33.81 -26.46 -17.85
N CYS C 24 -33.76 -27.72 -18.29
CA CYS C 24 -34.50 -28.13 -19.48
C CYS C 24 -35.83 -28.63 -18.95
N GLN C 25 -36.92 -28.00 -19.39
CA GLN C 25 -38.25 -28.34 -18.93
C GLN C 25 -39.17 -28.81 -20.05
N VAL C 26 -39.76 -29.99 -19.89
CA VAL C 26 -40.69 -30.53 -20.88
C VAL C 26 -42.10 -30.26 -20.37
N ALA C 27 -42.95 -29.69 -21.23
CA ALA C 27 -44.32 -29.37 -20.83
C ALA C 27 -45.25 -30.57 -20.91
N GLY C 28 -46.52 -30.34 -20.55
CA GLY C 28 -47.51 -31.41 -20.57
C GLY C 28 -47.08 -32.63 -19.79
N ASP C 29 -47.67 -33.78 -20.11
CA ASP C 29 -47.33 -35.03 -19.44
C ASP C 29 -47.07 -36.16 -20.41
N ALA C 30 -45.93 -36.10 -21.10
CA ALA C 30 -45.54 -37.16 -22.03
C ALA C 30 -44.84 -38.17 -21.13
N LYS C 31 -45.39 -39.38 -21.08
CA LYS C 31 -44.81 -40.42 -20.23
C LYS C 31 -43.79 -41.27 -20.95
N ASP C 32 -42.91 -41.91 -20.17
CA ASP C 32 -41.87 -42.78 -20.71
C ASP C 32 -40.98 -42.13 -21.75
N LYS C 33 -40.52 -40.91 -21.48
CA LYS C 33 -39.67 -40.20 -22.41
C LYS C 33 -38.25 -40.16 -21.87
N ASP C 34 -37.33 -39.67 -22.69
CA ASP C 34 -35.93 -39.56 -22.30
C ASP C 34 -35.44 -38.12 -22.48
N ILE C 35 -34.67 -37.63 -21.52
CA ILE C 35 -34.14 -36.27 -21.59
C ILE C 35 -32.61 -36.36 -21.50
N SER C 36 -31.93 -35.99 -22.59
N SER C 36 -31.93 -35.97 -22.58
CA SER C 36 -30.46 -36.02 -22.63
CA SER C 36 -30.47 -36.00 -22.61
C SER C 36 -29.90 -34.68 -23.10
C SER C 36 -29.90 -34.67 -23.08
N TRP C 37 -28.72 -34.33 -22.59
CA TRP C 37 -28.04 -33.10 -22.95
C TRP C 37 -26.83 -33.38 -23.81
N PHE C 38 -26.51 -32.43 -24.69
CA PHE C 38 -25.34 -32.55 -25.55
C PHE C 38 -24.59 -31.23 -25.52
N SER C 39 -23.27 -31.33 -25.66
CA SER C 39 -22.39 -30.16 -25.67
C SER C 39 -22.33 -29.61 -27.09
N PRO C 40 -21.76 -28.41 -27.26
CA PRO C 40 -21.64 -27.78 -28.58
C PRO C 40 -21.04 -28.68 -29.65
N ASN C 41 -20.07 -29.53 -29.29
CA ASN C 41 -19.50 -30.34 -30.34
C ASN C 41 -20.21 -31.66 -30.58
N GLY C 42 -21.38 -31.82 -29.97
CA GLY C 42 -22.15 -33.02 -30.20
C GLY C 42 -22.04 -34.20 -29.25
N GLU C 43 -21.12 -34.16 -28.28
CA GLU C 43 -21.04 -35.30 -27.39
C GLU C 43 -22.10 -35.27 -26.30
N LYS C 44 -22.63 -36.44 -25.99
CA LYS C 44 -23.66 -36.60 -24.98
C LYS C 44 -23.05 -36.40 -23.61
N LEU C 45 -23.66 -35.50 -22.84
CA LEU C 45 -23.17 -35.23 -21.50
C LEU C 45 -23.80 -36.25 -20.56
N SER C 46 -22.99 -36.87 -19.73
CA SER C 46 -23.50 -37.88 -18.81
C SER C 46 -23.74 -37.31 -17.41
N PRO C 47 -24.80 -37.77 -16.74
CA PRO C 47 -25.16 -37.33 -15.39
C PRO C 47 -24.03 -37.08 -14.37
N ASN C 48 -24.04 -35.89 -13.76
CA ASN C 48 -23.08 -35.41 -12.73
C ASN C 48 -21.58 -35.76 -12.71
N GLN C 49 -20.82 -35.25 -13.69
CA GLN C 49 -19.37 -35.48 -13.78
C GLN C 49 -18.66 -34.26 -13.21
N GLN C 50 -19.24 -33.70 -12.14
CA GLN C 50 -18.73 -32.52 -11.44
C GLN C 50 -18.71 -31.19 -12.18
N ARG C 51 -17.65 -30.86 -12.93
CA ARG C 51 -17.59 -29.55 -13.59
C ARG C 51 -18.73 -29.29 -14.56
N ILE C 52 -18.89 -30.12 -15.58
N ILE C 52 -18.89 -30.12 -15.58
CA ILE C 52 -20.00 -29.94 -16.51
CA ILE C 52 -20.01 -29.93 -16.50
C ILE C 52 -21.06 -30.96 -16.07
C ILE C 52 -21.06 -30.95 -16.08
N SER C 53 -21.82 -30.55 -15.06
CA SER C 53 -22.86 -31.35 -14.44
C SER C 53 -24.23 -31.47 -15.10
N VAL C 54 -24.77 -32.67 -15.07
CA VAL C 54 -26.11 -32.95 -15.58
C VAL C 54 -26.81 -33.73 -14.48
N VAL C 55 -27.93 -33.20 -14.02
CA VAL C 55 -28.70 -33.82 -12.95
C VAL C 55 -30.16 -33.98 -13.36
N TRP C 56 -30.66 -35.21 -13.27
CA TRP C 56 -32.06 -35.48 -13.59
C TRP C 56 -32.83 -34.98 -12.37
N ASN C 57 -33.90 -34.22 -12.61
CA ASN C 57 -34.69 -33.67 -11.50
C ASN C 57 -35.98 -34.47 -11.27
N ASP C 58 -36.75 -34.66 -12.33
CA ASP C 58 -37.99 -35.42 -12.30
C ASP C 58 -38.31 -35.86 -13.72
N ASP C 59 -39.44 -36.53 -13.92
CA ASP C 59 -39.80 -37.02 -15.26
C ASP C 59 -39.79 -35.95 -16.35
N ASP C 60 -40.08 -34.71 -16.00
CA ASP C 60 -40.11 -33.65 -17.01
C ASP C 60 -38.93 -32.69 -17.05
N SER C 61 -37.93 -32.88 -16.21
CA SER C 61 -36.81 -31.93 -16.25
C SER C 61 -35.42 -32.45 -15.89
N SER C 62 -34.41 -31.79 -16.45
CA SER C 62 -33.01 -32.13 -16.22
C SER C 62 -32.21 -30.84 -16.20
N THR C 63 -31.20 -30.76 -15.35
CA THR C 63 -30.41 -29.54 -15.25
C THR C 63 -28.93 -29.69 -15.60
N LEU C 64 -28.48 -28.78 -16.46
CA LEU C 64 -27.08 -28.72 -16.90
C LEU C 64 -26.40 -27.60 -16.11
N THR C 65 -25.33 -27.93 -15.39
CA THR C 65 -24.61 -26.89 -14.67
C THR C 65 -23.19 -26.82 -15.19
N ILE C 66 -22.74 -25.61 -15.52
CA ILE C 66 -21.39 -25.40 -16.01
C ILE C 66 -20.69 -24.63 -14.90
N TYR C 67 -19.86 -25.34 -14.15
CA TYR C 67 -19.12 -24.71 -13.05
C TYR C 67 -17.78 -24.17 -13.54
N ASN C 68 -17.34 -23.08 -12.93
N ASN C 68 -17.33 -23.09 -12.92
CA ASN C 68 -16.05 -22.50 -13.26
CA ASN C 68 -16.04 -22.48 -13.27
C ASN C 68 -15.81 -22.45 -14.77
C ASN C 68 -15.82 -22.46 -14.78
N ALA C 69 -16.66 -21.72 -15.49
CA ALA C 69 -16.58 -21.62 -16.94
C ALA C 69 -15.27 -21.09 -17.50
N ASN C 70 -14.84 -21.65 -18.63
CA ASN C 70 -13.65 -21.20 -19.32
C ASN C 70 -14.09 -21.05 -20.77
N ILE C 71 -13.31 -20.34 -21.58
CA ILE C 71 -13.68 -20.08 -22.97
C ILE C 71 -14.12 -21.27 -23.82
N ASP C 72 -13.47 -22.42 -23.64
CA ASP C 72 -13.81 -23.58 -24.45
C ASP C 72 -15.15 -24.24 -24.11
N ASP C 73 -15.88 -23.67 -23.15
CA ASP C 73 -17.19 -24.19 -22.79
C ASP C 73 -18.25 -23.51 -23.65
N ALA C 74 -17.88 -22.45 -24.33
CA ALA C 74 -18.82 -21.71 -25.16
C ALA C 74 -19.42 -22.57 -26.26
N GLY C 75 -20.63 -22.20 -26.70
CA GLY C 75 -21.29 -22.93 -27.75
C GLY C 75 -22.74 -23.21 -27.47
N ILE C 76 -23.42 -23.81 -28.45
CA ILE C 76 -24.82 -24.14 -28.30
C ILE C 76 -24.99 -25.51 -27.65
N TYR C 77 -25.62 -25.53 -26.48
CA TYR C 77 -25.87 -26.80 -25.81
C TYR C 77 -27.27 -27.22 -26.21
N LYS C 78 -27.50 -28.53 -26.26
CA LYS C 78 -28.80 -29.04 -26.68
C LYS C 78 -29.45 -30.03 -25.73
N CYS C 79 -30.74 -29.82 -25.48
CA CYS C 79 -31.52 -30.71 -24.64
C CYS C 79 -32.44 -31.44 -25.60
N VAL C 80 -32.22 -32.74 -25.74
CA VAL C 80 -33.03 -33.56 -26.65
C VAL C 80 -34.01 -34.47 -25.91
N VAL C 81 -35.28 -34.32 -26.24
CA VAL C 81 -36.33 -35.12 -25.60
C VAL C 81 -36.88 -36.16 -26.57
N THR C 82 -36.75 -37.42 -26.20
CA THR C 82 -37.25 -38.50 -27.04
C THR C 82 -38.50 -39.12 -26.42
N ALA C 83 -39.65 -38.83 -27.03
CA ALA C 83 -40.94 -39.34 -26.56
C ALA C 83 -40.99 -40.86 -26.64
N GLU C 84 -41.99 -41.44 -25.99
CA GLU C 84 -42.17 -42.89 -26.00
C GLU C 84 -42.34 -43.42 -27.42
N ASP C 85 -42.99 -42.65 -28.30
CA ASP C 85 -43.19 -43.08 -29.67
C ASP C 85 -41.94 -42.86 -30.54
N GLY C 86 -40.81 -42.58 -29.89
CA GLY C 86 -39.56 -42.41 -30.60
C GLY C 86 -39.27 -41.04 -31.21
N THR C 87 -40.30 -40.22 -31.38
CA THR C 87 -40.07 -38.90 -31.96
C THR C 87 -39.33 -38.03 -30.94
N GLN C 88 -38.52 -37.10 -31.45
CA GLN C 88 -37.72 -36.23 -30.60
C GLN C 88 -38.06 -34.76 -30.78
N SER C 89 -37.88 -34.00 -29.70
N SER C 89 -37.85 -34.01 -29.69
CA SER C 89 -38.10 -32.55 -29.71
CA SER C 89 -38.10 -32.58 -29.65
C SER C 89 -36.91 -32.01 -28.92
C SER C 89 -36.90 -32.01 -28.90
N GLU C 90 -36.50 -30.79 -29.22
CA GLU C 90 -35.36 -30.19 -28.54
C GLU C 90 -35.48 -28.71 -28.20
N ALA C 91 -34.55 -28.29 -27.35
CA ALA C 91 -34.41 -26.92 -26.91
C ALA C 91 -32.90 -26.69 -26.90
N THR C 92 -32.47 -25.47 -27.18
CA THR C 92 -31.06 -25.16 -27.19
C THR C 92 -30.78 -23.90 -26.40
N VAL C 93 -29.54 -23.77 -25.93
CA VAL C 93 -29.16 -22.60 -25.18
C VAL C 93 -27.75 -22.23 -25.61
N ASN C 94 -27.61 -21.01 -26.12
CA ASN C 94 -26.34 -20.50 -26.60
C ASN C 94 -25.51 -20.00 -25.42
N VAL C 95 -24.49 -20.75 -25.03
CA VAL C 95 -23.64 -20.35 -23.92
C VAL C 95 -22.49 -19.47 -24.39
N LYS C 96 -22.42 -18.27 -23.84
CA LYS C 96 -21.38 -17.29 -24.17
C LYS C 96 -20.50 -17.05 -22.96
N ILE C 97 -19.19 -17.20 -23.11
CA ILE C 97 -18.25 -17.01 -22.01
C ILE C 97 -17.69 -15.59 -22.10
N PHE C 98 -18.00 -14.78 -21.08
CA PHE C 98 -17.56 -13.39 -21.07
C PHE C 98 -16.32 -13.09 -20.24
N GLN C 99 -15.34 -12.47 -20.88
CA GLN C 99 -14.11 -12.10 -20.20
C GLN C 99 -14.07 -10.59 -20.04
N LYS C 100 -14.27 -10.12 -18.82
CA LYS C 100 -14.25 -8.68 -18.56
C LYS C 100 -12.84 -8.15 -18.84
N LEU C 101 -12.75 -6.89 -19.24
CA LEU C 101 -11.45 -6.29 -19.53
C LEU C 101 -10.59 -6.30 -18.29
N MET C 102 -9.43 -6.93 -18.42
CA MET C 102 -8.50 -7.01 -17.31
C MET C 102 -7.12 -7.35 -17.80
N PHE C 103 -6.14 -7.02 -16.98
CA PHE C 103 -4.75 -7.29 -17.31
C PHE C 103 -4.39 -8.49 -16.48
N LYS C 104 -4.00 -9.55 -17.18
CA LYS C 104 -3.63 -10.81 -16.58
C LYS C 104 -2.17 -10.75 -16.15
N ASN C 105 -1.33 -10.22 -17.04
CA ASN C 105 0.08 -10.13 -16.74
C ASN C 105 0.72 -8.78 -17.05
N ALA C 106 0.92 -8.02 -15.99
CA ALA C 106 1.56 -6.71 -16.04
C ALA C 106 2.48 -6.78 -14.83
N PRO C 107 3.60 -7.51 -14.97
CA PRO C 107 4.63 -7.73 -13.95
C PRO C 107 5.14 -6.46 -13.31
N THR C 108 5.34 -6.52 -12.00
CA THR C 108 5.90 -5.39 -11.29
C THR C 108 6.80 -5.94 -10.19
N PRO C 109 8.02 -5.42 -10.10
CA PRO C 109 8.53 -4.36 -10.96
C PRO C 109 9.06 -4.94 -12.27
N GLN C 110 9.48 -4.07 -13.18
CA GLN C 110 10.09 -4.47 -14.44
C GLN C 110 11.36 -3.65 -14.55
N GLU C 111 12.51 -4.33 -14.42
CA GLU C 111 13.79 -3.64 -14.44
C GLU C 111 14.53 -3.68 -15.76
N PHE C 112 15.26 -2.60 -16.04
CA PHE C 112 16.05 -2.48 -17.27
C PHE C 112 17.37 -1.77 -16.97
N LYS C 113 18.38 -2.03 -17.80
CA LYS C 113 19.66 -1.36 -17.62
C LYS C 113 19.64 -0.10 -18.46
N GLU C 114 20.16 1.00 -17.92
CA GLU C 114 20.17 2.27 -18.65
C GLU C 114 20.84 2.08 -20.01
N GLY C 115 20.21 2.62 -21.05
CA GLY C 115 20.79 2.51 -22.39
C GLY C 115 20.15 1.45 -23.27
N GLU C 116 19.57 0.43 -22.65
N GLU C 116 19.57 0.44 -22.64
CA GLU C 116 18.93 -0.65 -23.38
CA GLU C 116 18.93 -0.66 -23.37
C GLU C 116 17.55 -0.25 -23.86
C GLU C 116 17.54 -0.26 -23.85
N ASP C 117 17.03 -0.97 -24.86
CA ASP C 117 15.71 -0.70 -25.39
C ASP C 117 14.76 -1.49 -24.50
N ALA C 118 14.06 -0.78 -23.63
CA ALA C 118 13.15 -1.44 -22.71
C ALA C 118 11.78 -1.68 -23.32
N VAL C 119 11.20 -2.83 -23.01
N VAL C 119 11.19 -2.83 -23.02
CA VAL C 119 9.86 -3.17 -23.49
CA VAL C 119 9.85 -3.15 -23.50
C VAL C 119 9.02 -3.53 -22.27
C VAL C 119 9.01 -3.53 -22.29
N ILE C 120 8.14 -2.61 -21.88
CA ILE C 120 7.28 -2.82 -20.73
C ILE C 120 6.10 -3.71 -21.08
N VAL C 121 6.04 -4.85 -20.42
CA VAL C 121 5.02 -5.85 -20.65
C VAL C 121 3.68 -5.58 -19.95
N CYS C 122 2.61 -5.82 -20.70
CA CYS C 122 1.24 -5.65 -20.21
C CYS C 122 0.33 -6.43 -21.17
N ASP C 123 -0.22 -7.53 -20.69
CA ASP C 123 -1.09 -8.39 -21.51
C ASP C 123 -2.56 -8.17 -21.22
N VAL C 124 -3.30 -7.73 -22.24
CA VAL C 124 -4.72 -7.47 -22.12
C VAL C 124 -5.55 -8.69 -22.49
N VAL C 125 -6.59 -8.96 -21.70
CA VAL C 125 -7.50 -10.06 -21.98
C VAL C 125 -8.89 -9.44 -21.87
N SER C 126 -9.67 -9.53 -22.95
CA SER C 126 -11.01 -8.96 -22.97
C SER C 126 -11.79 -9.57 -24.12
N SER C 127 -13.09 -9.80 -23.91
CA SER C 127 -13.93 -10.37 -24.95
C SER C 127 -14.07 -9.40 -26.12
N LEU C 128 -14.09 -8.11 -25.79
CA LEU C 128 -14.19 -7.09 -26.81
C LEU C 128 -12.91 -6.25 -26.81
N PRO C 129 -12.41 -5.92 -28.00
CA PRO C 129 -11.19 -5.12 -28.13
C PRO C 129 -11.23 -3.80 -27.38
N PRO C 130 -10.19 -3.52 -26.58
CA PRO C 130 -10.15 -2.27 -25.83
C PRO C 130 -9.11 -1.36 -26.47
N THR C 131 -9.07 -0.11 -26.04
CA THR C 131 -8.07 0.80 -26.54
C THR C 131 -7.11 0.94 -25.37
N ILE C 132 -5.81 0.99 -25.67
CA ILE C 132 -4.79 1.08 -24.64
C ILE C 132 -4.06 2.43 -24.60
N ILE C 133 -3.86 2.94 -23.39
CA ILE C 133 -3.15 4.19 -23.16
C ILE C 133 -2.08 3.90 -22.11
N TRP C 134 -0.86 4.38 -22.36
CA TRP C 134 0.23 4.18 -21.41
C TRP C 134 0.48 5.53 -20.77
N LYS C 135 0.58 5.54 -19.44
CA LYS C 135 0.86 6.77 -18.74
C LYS C 135 2.11 6.61 -17.87
N HIS C 136 2.80 7.73 -17.66
CA HIS C 136 3.96 7.75 -16.81
C HIS C 136 3.61 8.83 -15.78
N LYS C 137 3.54 8.44 -14.51
CA LYS C 137 3.18 9.38 -13.46
C LYS C 137 1.78 9.94 -13.68
N GLY C 138 0.91 9.11 -14.26
CA GLY C 138 -0.47 9.53 -14.50
C GLY C 138 -0.71 10.38 -15.73
N ARG C 139 0.34 10.63 -16.51
CA ARG C 139 0.24 11.45 -17.71
C ARG C 139 0.53 10.59 -18.93
N ASP C 140 -0.39 10.63 -19.90
CA ASP C 140 -0.24 9.88 -21.14
C ASP C 140 1.18 10.11 -21.66
N VAL C 141 1.90 9.03 -21.95
CA VAL C 141 3.28 9.15 -22.45
C VAL C 141 3.39 9.86 -23.80
N ILE C 142 2.30 9.91 -24.56
N ILE C 142 2.30 9.90 -24.56
CA ILE C 142 2.33 10.55 -25.87
CA ILE C 142 2.35 10.56 -25.88
C ILE C 142 2.62 12.05 -25.72
C ILE C 142 2.64 12.06 -25.71
N LEU C 143 2.32 12.59 -24.55
CA LEU C 143 2.55 14.00 -24.27
C LEU C 143 4.02 14.36 -24.14
N LYS C 144 4.88 13.35 -24.07
CA LYS C 144 6.33 13.58 -23.97
C LYS C 144 6.88 13.99 -25.32
N LYS C 145 6.15 13.66 -26.39
CA LYS C 145 6.62 13.98 -27.74
C LYS C 145 8.08 13.55 -27.87
N ASP C 146 8.40 12.35 -27.37
CA ASP C 146 9.74 11.77 -27.40
C ASP C 146 9.63 10.54 -28.31
N VAL C 147 10.31 10.57 -29.46
CA VAL C 147 10.21 9.44 -30.39
C VAL C 147 10.69 8.11 -29.81
N ARG C 148 11.42 8.17 -28.70
CA ARG C 148 11.90 6.95 -28.07
C ARG C 148 10.73 6.12 -27.54
N PHE C 149 9.61 6.78 -27.25
CA PHE C 149 8.44 6.07 -26.73
C PHE C 149 7.52 5.60 -27.84
N ILE C 150 7.34 4.28 -27.94
CA ILE C 150 6.50 3.73 -28.98
C ILE C 150 5.62 2.61 -28.45
N VAL C 151 4.33 2.68 -28.71
CA VAL C 151 3.44 1.63 -28.27
C VAL C 151 3.42 0.62 -29.41
N LEU C 152 3.94 -0.58 -29.13
CA LEU C 152 4.02 -1.64 -30.13
C LEU C 152 2.68 -2.25 -30.48
N SER C 153 2.64 -2.95 -31.61
CA SER C 153 1.42 -3.59 -32.07
C SER C 153 0.76 -4.43 -30.98
N ASN C 154 1.57 -5.12 -30.19
CA ASN C 154 1.05 -5.96 -29.11
C ASN C 154 0.70 -5.13 -27.88
N ASN C 155 0.75 -3.81 -28.04
CA ASN C 155 0.43 -2.85 -26.99
C ASN C 155 1.43 -2.73 -25.85
N TYR C 156 2.63 -3.27 -26.04
CA TYR C 156 3.67 -3.15 -25.02
C TYR C 156 4.26 -1.77 -25.24
N LEU C 157 4.84 -1.16 -24.22
CA LEU C 157 5.42 0.16 -24.38
C LEU C 157 6.93 0.02 -24.54
N GLN C 158 7.45 0.47 -25.68
CA GLN C 158 8.88 0.40 -25.92
C GLN C 158 9.52 1.74 -25.62
N ILE C 159 10.63 1.70 -24.90
CA ILE C 159 11.37 2.92 -24.59
C ILE C 159 12.80 2.65 -25.04
N ARG C 160 13.17 3.22 -26.18
CA ARG C 160 14.52 3.05 -26.74
C ARG C 160 15.54 3.73 -25.84
N GLY C 161 16.72 3.13 -25.72
CA GLY C 161 17.77 3.70 -24.89
C GLY C 161 17.21 4.37 -23.65
N ILE C 162 16.64 3.57 -22.78
CA ILE C 162 16.03 4.08 -21.55
C ILE C 162 17.02 4.81 -20.64
N LYS C 163 16.59 5.97 -20.14
CA LYS C 163 17.40 6.79 -19.25
C LYS C 163 16.86 6.68 -17.83
N LYS C 164 17.72 6.97 -16.85
CA LYS C 164 17.34 6.90 -15.44
C LYS C 164 16.13 7.79 -15.16
N THR C 165 16.00 8.87 -15.93
CA THR C 165 14.88 9.79 -15.78
C THR C 165 13.59 9.20 -16.33
N ASP C 166 13.66 8.05 -16.97
CA ASP C 166 12.45 7.41 -17.51
C ASP C 166 11.80 6.51 -16.45
N GLU C 167 12.50 6.31 -15.35
CA GLU C 167 12.01 5.46 -14.26
C GLU C 167 10.74 6.00 -13.65
N GLY C 168 10.05 5.14 -12.91
CA GLY C 168 8.81 5.54 -12.26
C GLY C 168 7.64 4.62 -12.50
N THR C 169 6.47 5.05 -12.03
CA THR C 169 5.25 4.27 -12.17
C THR C 169 4.59 4.49 -13.52
N TYR C 170 4.43 3.40 -14.27
CA TYR C 170 3.79 3.43 -15.57
C TYR C 170 2.46 2.72 -15.44
N ARG C 171 1.43 3.29 -16.04
CA ARG C 171 0.13 2.66 -15.98
C ARG C 171 -0.33 2.21 -17.37
N CYS C 172 -0.72 0.94 -17.44
CA CYS C 172 -1.23 0.36 -18.65
C CYS C 172 -2.74 0.42 -18.46
N GLU C 173 -3.40 1.31 -19.18
CA GLU C 173 -4.84 1.53 -19.06
C GLU C 173 -5.65 1.06 -20.27
N GLY C 174 -6.70 0.29 -20.02
CA GLY C 174 -7.54 -0.18 -21.09
C GLY C 174 -8.95 0.38 -20.97
N ARG C 175 -9.53 0.78 -22.10
CA ARG C 175 -10.88 1.31 -22.09
C ARG C 175 -11.70 0.76 -23.24
N ILE C 176 -13.01 0.72 -23.05
CA ILE C 176 -13.95 0.29 -24.07
C ILE C 176 -14.95 1.43 -24.08
N LEU C 177 -14.72 2.36 -24.99
N LEU C 177 -14.73 2.37 -24.99
CA LEU C 177 -15.54 3.56 -25.16
CA LEU C 177 -15.54 3.57 -25.14
C LEU C 177 -17.05 3.41 -25.02
C LEU C 177 -17.06 3.40 -25.02
N ALA C 178 -17.65 2.60 -25.88
CA ALA C 178 -19.09 2.38 -25.88
C ALA C 178 -19.66 1.84 -24.58
N ARG C 179 -18.89 1.02 -23.87
CA ARG C 179 -19.37 0.44 -22.62
C ARG C 179 -18.95 1.19 -21.37
N GLY C 180 -18.03 2.15 -21.52
CA GLY C 180 -17.58 2.90 -20.37
C GLY C 180 -16.78 2.00 -19.45
N GLU C 181 -16.30 0.89 -19.99
CA GLU C 181 -15.52 -0.08 -19.22
C GLU C 181 -14.05 0.32 -19.18
N ILE C 182 -13.43 0.19 -18.01
CA ILE C 182 -12.03 0.57 -17.84
C ILE C 182 -11.34 -0.25 -16.75
N ASN C 183 -10.06 -0.49 -16.96
CA ASN C 183 -9.25 -1.21 -15.99
C ASN C 183 -7.80 -0.84 -16.26
N PHE C 184 -6.93 -1.14 -15.32
CA PHE C 184 -5.54 -0.78 -15.48
C PHE C 184 -4.64 -1.56 -14.54
N LYS C 185 -3.34 -1.38 -14.72
CA LYS C 185 -2.32 -2.01 -13.90
C LYS C 185 -1.14 -1.07 -13.78
N ASP C 186 -0.71 -0.81 -12.56
CA ASP C 186 0.44 0.05 -12.36
C ASP C 186 1.68 -0.82 -12.30
N ILE C 187 2.71 -0.38 -13.00
CA ILE C 187 3.97 -1.11 -13.07
C ILE C 187 5.12 -0.22 -12.63
N GLN C 188 5.93 -0.72 -11.70
CA GLN C 188 7.07 0.04 -11.23
C GLN C 188 8.26 -0.28 -12.15
N VAL C 189 8.65 0.67 -12.98
CA VAL C 189 9.77 0.48 -13.88
C VAL C 189 11.05 0.94 -13.19
N ILE C 190 12.03 0.04 -13.14
CA ILE C 190 13.32 0.32 -12.52
C ILE C 190 14.42 0.37 -13.56
N VAL C 191 15.28 1.37 -13.46
CA VAL C 191 16.39 1.50 -14.39
C VAL C 191 17.69 1.53 -13.61
N ARG D 1 -30.97 29.73 -27.21
CA ARG D 1 -30.75 28.40 -27.86
C ARG D 1 -30.43 27.39 -26.77
N VAL D 2 -30.63 26.10 -27.06
CA VAL D 2 -30.35 25.06 -26.07
C VAL D 2 -29.00 24.36 -26.25
N LEU D 3 -28.45 23.89 -25.15
CA LEU D 3 -27.20 23.16 -25.18
C LEU D 3 -27.59 21.69 -25.08
N GLN D 4 -27.36 20.93 -26.15
CA GLN D 4 -27.69 19.51 -26.12
C GLN D 4 -26.55 18.88 -25.35
N VAL D 5 -26.87 18.18 -24.27
CA VAL D 5 -25.85 17.54 -23.46
C VAL D 5 -26.13 16.04 -23.40
N ASP D 6 -25.15 15.25 -23.81
CA ASP D 6 -25.31 13.80 -23.79
C ASP D 6 -24.21 13.15 -22.97
N ILE D 7 -24.56 12.08 -22.28
CA ILE D 7 -23.60 11.32 -21.48
C ILE D 7 -23.54 9.95 -22.10
N VAL D 8 -22.32 9.52 -22.44
CA VAL D 8 -22.08 8.23 -23.05
C VAL D 8 -21.09 7.42 -22.21
N PRO D 9 -21.48 6.21 -21.79
CA PRO D 9 -22.77 5.55 -22.03
C PRO D 9 -23.94 6.27 -21.35
N SER D 10 -25.14 6.15 -21.93
N SER D 10 -25.14 6.15 -21.93
CA SER D 10 -26.32 6.82 -21.37
CA SER D 10 -26.32 6.82 -21.37
C SER D 10 -26.74 6.29 -20.01
C SER D 10 -26.74 6.30 -20.01
N GLN D 11 -26.17 5.17 -19.60
CA GLN D 11 -26.46 4.57 -18.32
C GLN D 11 -25.43 3.49 -18.06
N GLY D 12 -25.34 3.04 -16.83
CA GLY D 12 -24.36 2.00 -16.53
C GLY D 12 -24.57 1.29 -15.21
N GLU D 13 -24.00 0.11 -15.14
CA GLU D 13 -24.05 -0.73 -13.94
C GLU D 13 -22.62 -1.18 -13.70
N ILE D 14 -22.13 -0.96 -12.50
CA ILE D 14 -20.77 -1.35 -12.18
C ILE D 14 -20.78 -2.44 -11.13
N SER D 15 -20.07 -3.52 -11.38
CA SER D 15 -19.99 -4.59 -10.38
C SER D 15 -19.17 -4.01 -9.24
N VAL D 16 -19.52 -4.40 -8.00
CA VAL D 16 -18.80 -3.90 -6.83
C VAL D 16 -17.29 -4.07 -6.98
N GLY D 17 -16.54 -3.02 -6.68
CA GLY D 17 -15.09 -3.10 -6.79
C GLY D 17 -14.51 -2.81 -8.16
N GLU D 18 -15.36 -2.71 -9.17
CA GLU D 18 -14.87 -2.43 -10.52
C GLU D 18 -14.95 -0.95 -10.86
N SER D 19 -14.64 -0.61 -12.10
CA SER D 19 -14.65 0.78 -12.51
C SER D 19 -15.31 1.04 -13.87
N LYS D 20 -15.99 2.18 -13.97
CA LYS D 20 -16.64 2.60 -15.21
C LYS D 20 -16.55 4.10 -15.35
N PHE D 21 -16.56 4.57 -16.59
CA PHE D 21 -16.47 5.99 -16.85
C PHE D 21 -17.62 6.46 -17.73
N PHE D 22 -17.91 7.75 -17.66
CA PHE D 22 -18.98 8.34 -18.42
C PHE D 22 -18.52 9.65 -19.03
N LEU D 23 -18.64 9.76 -20.34
CA LEU D 23 -18.24 10.96 -21.04
C LEU D 23 -19.42 11.90 -21.20
N CYS D 24 -19.28 13.11 -20.68
CA CYS D 24 -20.32 14.12 -20.83
C CYS D 24 -19.89 14.98 -22.00
N GLN D 25 -20.77 15.11 -23.01
CA GLN D 25 -20.40 15.93 -24.16
C GLN D 25 -21.49 16.89 -24.59
N VAL D 26 -21.06 18.11 -24.87
CA VAL D 26 -21.96 19.19 -25.30
C VAL D 26 -21.87 19.38 -26.80
N ALA D 27 -23.03 19.49 -27.44
CA ALA D 27 -23.07 19.67 -28.88
C ALA D 27 -23.21 21.14 -29.20
N GLY D 28 -23.13 21.43 -30.48
CA GLY D 28 -23.22 22.80 -30.94
C GLY D 28 -21.84 23.38 -30.83
N ASP D 29 -21.77 24.70 -30.92
CA ASP D 29 -20.51 25.43 -30.85
C ASP D 29 -20.72 26.66 -29.95
N ALA D 30 -20.90 26.43 -28.65
CA ALA D 30 -21.08 27.52 -27.69
C ALA D 30 -19.73 27.76 -27.01
N LYS D 31 -19.28 29.01 -26.95
CA LYS D 31 -17.98 29.32 -26.35
C LYS D 31 -18.05 29.76 -24.89
N ASP D 32 -16.94 29.61 -24.18
CA ASP D 32 -16.84 30.02 -22.78
C ASP D 32 -17.93 29.40 -21.92
N LYS D 33 -17.86 28.10 -21.70
CA LYS D 33 -18.86 27.43 -20.89
C LYS D 33 -18.20 26.55 -19.83
N ASP D 34 -18.95 26.25 -18.79
CA ASP D 34 -18.45 25.43 -17.71
C ASP D 34 -19.13 24.07 -17.74
N ILE D 35 -18.34 23.00 -17.63
N ILE D 35 -18.34 23.02 -17.63
CA ILE D 35 -18.90 21.66 -17.62
CA ILE D 35 -18.88 21.67 -17.61
C ILE D 35 -18.62 21.09 -16.24
C ILE D 35 -18.62 21.10 -16.23
N SER D 36 -19.69 20.87 -15.47
CA SER D 36 -19.57 20.35 -14.13
C SER D 36 -20.33 19.04 -13.90
N TRP D 37 -19.81 18.24 -12.99
CA TRP D 37 -20.42 16.95 -12.65
C TRP D 37 -20.92 16.97 -11.20
N PHE D 38 -22.04 16.29 -10.98
CA PHE D 38 -22.62 16.20 -9.64
C PHE D 38 -22.96 14.77 -9.25
N SER D 39 -22.77 14.45 -7.97
N SER D 39 -22.78 14.46 -7.97
CA SER D 39 -23.06 13.12 -7.46
CA SER D 39 -23.08 13.12 -7.44
C SER D 39 -24.54 13.02 -7.07
C SER D 39 -24.56 13.03 -7.07
N PRO D 40 -25.08 11.80 -6.94
CA PRO D 40 -26.49 11.56 -6.59
C PRO D 40 -27.06 12.36 -5.42
N ASN D 41 -26.21 12.88 -4.54
CA ASN D 41 -26.71 13.65 -3.40
C ASN D 41 -26.82 15.12 -3.71
N GLY D 42 -26.36 15.52 -4.89
CA GLY D 42 -26.41 16.91 -5.29
C GLY D 42 -25.13 17.69 -5.03
N GLU D 43 -24.06 17.01 -4.66
CA GLU D 43 -22.78 17.66 -4.40
C GLU D 43 -21.86 17.71 -5.62
N LYS D 44 -21.12 18.82 -5.78
CA LYS D 44 -20.20 19.00 -6.91
C LYS D 44 -19.02 18.02 -6.78
N LEU D 45 -18.59 17.44 -7.89
CA LEU D 45 -17.45 16.54 -7.84
C LEU D 45 -16.21 17.37 -8.15
N SER D 46 -15.20 17.30 -7.29
CA SER D 46 -13.96 18.07 -7.50
C SER D 46 -13.05 17.53 -8.61
N PRO D 47 -12.58 18.38 -9.54
CA PRO D 47 -11.69 17.93 -10.63
C PRO D 47 -10.70 16.79 -10.23
N ASN D 48 -10.01 16.10 -11.15
CA ASN D 48 -9.31 14.90 -10.70
C ASN D 48 -8.61 14.64 -9.41
N GLN D 49 -9.40 13.89 -8.66
CA GLN D 49 -9.07 13.39 -7.38
C GLN D 49 -8.70 11.97 -7.76
N GLN D 50 -9.04 11.02 -6.91
CA GLN D 50 -8.69 9.63 -7.17
C GLN D 50 -9.80 8.64 -7.52
N ARG D 51 -10.61 8.25 -6.52
CA ARG D 51 -11.67 7.28 -6.77
C ARG D 51 -12.77 7.80 -7.67
N ILE D 52 -13.40 8.92 -7.30
CA ILE D 52 -14.45 9.50 -8.13
C ILE D 52 -13.75 10.59 -8.92
N SER D 53 -13.11 10.15 -10.00
CA SER D 53 -12.33 10.99 -10.89
C SER D 53 -13.11 11.80 -11.91
N VAL D 54 -12.83 13.11 -11.96
CA VAL D 54 -13.46 14.01 -12.91
C VAL D 54 -12.30 14.66 -13.68
N VAL D 55 -12.26 14.44 -14.98
CA VAL D 55 -11.19 14.95 -15.83
C VAL D 55 -11.71 15.76 -17.02
N TRP D 56 -11.28 17.02 -17.10
CA TRP D 56 -11.68 17.90 -18.21
C TRP D 56 -10.93 17.40 -19.44
N ASN D 57 -11.63 17.19 -20.54
CA ASN D 57 -10.99 16.70 -21.75
C ASN D 57 -10.75 17.83 -22.75
N ASP D 58 -11.78 18.60 -23.02
CA ASP D 58 -11.71 19.75 -23.92
C ASP D 58 -12.92 20.66 -23.68
N ASP D 59 -12.97 21.80 -24.37
CA ASP D 59 -14.07 22.75 -24.18
C ASP D 59 -15.47 22.16 -24.18
N ASP D 60 -15.68 21.06 -24.90
CA ASP D 60 -17.01 20.45 -24.99
C ASP D 60 -17.21 19.15 -24.22
N SER D 61 -16.22 18.67 -23.48
CA SER D 61 -16.40 17.41 -22.78
C SER D 61 -15.58 17.23 -21.52
N SER D 62 -16.12 16.42 -20.61
CA SER D 62 -15.51 16.11 -19.33
C SER D 62 -15.89 14.67 -19.00
N THR D 63 -14.96 13.92 -18.42
CA THR D 63 -15.22 12.52 -18.11
C THR D 63 -15.24 12.19 -16.63
N LEU D 64 -16.26 11.43 -16.23
CA LEU D 64 -16.41 10.99 -14.85
C LEU D 64 -16.01 9.53 -14.80
N THR D 65 -15.11 9.18 -13.90
CA THR D 65 -14.69 7.80 -13.76
C THR D 65 -14.91 7.39 -12.31
N ILE D 66 -15.61 6.27 -12.12
CA ILE D 66 -15.86 5.76 -10.79
C ILE D 66 -15.02 4.50 -10.66
N TYR D 67 -13.98 4.57 -9.84
CA TYR D 67 -13.09 3.44 -9.61
C TYR D 67 -13.48 2.74 -8.32
N ASN D 68 -13.20 1.44 -8.26
CA ASN D 68 -13.49 0.66 -7.05
C ASN D 68 -14.88 1.01 -6.53
N ALA D 69 -15.87 0.79 -7.39
CA ALA D 69 -17.26 1.10 -7.07
C ALA D 69 -17.77 0.33 -5.86
N ASN D 70 -18.60 0.99 -5.05
CA ASN D 70 -19.21 0.37 -3.89
C ASN D 70 -20.68 0.77 -3.96
N ILE D 71 -21.54 -0.02 -3.35
CA ILE D 71 -22.99 0.23 -3.35
C ILE D 71 -23.42 1.68 -3.22
N ASP D 72 -22.78 2.42 -2.32
CA ASP D 72 -23.13 3.82 -2.09
C ASP D 72 -22.77 4.79 -3.23
N ASP D 73 -22.24 4.25 -4.32
CA ASP D 73 -21.90 5.08 -5.47
C ASP D 73 -23.11 5.08 -6.41
N ALA D 74 -24.10 4.25 -6.07
CA ALA D 74 -25.31 4.14 -6.87
C ALA D 74 -26.12 5.43 -6.87
N GLY D 75 -26.86 5.63 -7.95
CA GLY D 75 -27.67 6.82 -8.07
C GLY D 75 -27.47 7.55 -9.38
N ILE D 76 -28.22 8.63 -9.56
CA ILE D 76 -28.17 9.47 -10.75
C ILE D 76 -27.10 10.55 -10.65
N TYR D 77 -26.20 10.58 -11.62
CA TYR D 77 -25.14 11.60 -11.65
C TYR D 77 -25.55 12.68 -12.64
N LYS D 78 -25.08 13.90 -12.42
CA LYS D 78 -25.43 15.04 -13.26
C LYS D 78 -24.27 15.77 -13.90
N CYS D 79 -24.44 16.08 -15.19
CA CYS D 79 -23.46 16.85 -15.94
C CYS D 79 -24.19 18.14 -16.25
N VAL D 80 -23.73 19.24 -15.68
CA VAL D 80 -24.35 20.54 -15.88
C VAL D 80 -23.47 21.50 -16.67
N VAL D 81 -23.99 21.98 -17.78
CA VAL D 81 -23.25 22.90 -18.62
C VAL D 81 -23.77 24.31 -18.40
N THR D 82 -22.87 25.26 -18.17
CA THR D 82 -23.24 26.64 -17.92
C THR D 82 -22.60 27.55 -18.94
N ALA D 83 -23.41 28.08 -19.86
CA ALA D 83 -22.90 28.98 -20.88
C ALA D 83 -22.55 30.33 -20.23
N GLU D 84 -22.09 31.27 -21.04
CA GLU D 84 -21.71 32.59 -20.54
C GLU D 84 -22.93 33.37 -20.06
N ASP D 85 -24.12 33.03 -20.56
CA ASP D 85 -25.33 33.73 -20.13
C ASP D 85 -25.54 33.44 -18.66
N GLY D 86 -24.89 32.39 -18.18
CA GLY D 86 -25.07 31.99 -16.80
C GLY D 86 -26.23 31.02 -16.87
N THR D 87 -26.65 30.74 -18.11
CA THR D 87 -27.77 29.82 -18.37
C THR D 87 -27.26 28.39 -18.21
N GLN D 88 -28.16 27.45 -17.89
CA GLN D 88 -27.75 26.08 -17.68
C GLN D 88 -28.52 25.01 -18.49
N SER D 89 -27.82 23.92 -18.77
N SER D 89 -27.84 23.90 -18.75
CA SER D 89 -28.39 22.78 -19.49
CA SER D 89 -28.42 22.77 -19.49
C SER D 89 -27.75 21.51 -18.94
C SER D 89 -27.76 21.52 -18.94
N GLU D 90 -28.56 20.46 -18.73
CA GLU D 90 -28.01 19.23 -18.18
C GLU D 90 -28.32 17.92 -18.87
N ALA D 91 -27.63 16.89 -18.38
CA ALA D 91 -27.79 15.53 -18.85
C ALA D 91 -27.58 14.69 -17.60
N THR D 92 -28.33 13.60 -17.47
CA THR D 92 -28.17 12.75 -16.29
C THR D 92 -27.91 11.31 -16.70
N VAL D 93 -27.21 10.58 -15.83
CA VAL D 93 -26.89 9.18 -16.08
C VAL D 93 -27.15 8.36 -14.82
N ASN D 94 -27.94 7.31 -14.95
CA ASN D 94 -28.28 6.44 -13.83
C ASN D 94 -27.20 5.38 -13.70
N VAL D 95 -26.61 5.28 -12.50
CA VAL D 95 -25.55 4.31 -12.24
C VAL D 95 -26.00 3.29 -11.19
N LYS D 96 -26.03 2.02 -11.59
CA LYS D 96 -26.43 0.93 -10.70
C LYS D 96 -25.20 0.17 -10.23
N ILE D 97 -25.20 -0.25 -8.96
CA ILE D 97 -24.08 -1.01 -8.40
C ILE D 97 -24.57 -2.46 -8.22
N PHE D 98 -23.85 -3.40 -8.83
CA PHE D 98 -24.23 -4.80 -8.78
C PHE D 98 -23.31 -5.69 -7.94
N GLN D 99 -23.92 -6.45 -7.03
CA GLN D 99 -23.17 -7.38 -6.20
C GLN D 99 -23.59 -8.78 -6.65
N LYS D 100 -22.68 -9.50 -7.31
CA LYS D 100 -23.03 -10.83 -7.76
C LYS D 100 -23.05 -11.77 -6.54
N LEU D 101 -23.71 -12.92 -6.70
CA LEU D 101 -23.85 -13.93 -5.66
C LEU D 101 -22.50 -14.31 -5.11
N MET D 102 -22.26 -14.01 -3.83
N MET D 102 -22.23 -13.98 -3.84
CA MET D 102 -20.98 -14.30 -3.21
CA MET D 102 -20.96 -14.31 -3.22
C MET D 102 -21.08 -14.66 -1.73
C MET D 102 -21.07 -14.66 -1.75
N PHE D 103 -20.04 -15.31 -1.22
CA PHE D 103 -20.02 -15.70 0.18
C PHE D 103 -19.04 -14.83 0.95
N LYS D 104 -19.56 -14.07 1.92
CA LYS D 104 -18.73 -13.17 2.73
C LYS D 104 -18.08 -13.81 3.94
N ASN D 105 -18.82 -14.70 4.60
CA ASN D 105 -18.31 -15.37 5.79
C ASN D 105 -18.94 -16.75 5.85
N ALA D 106 -18.17 -17.75 5.43
CA ALA D 106 -18.60 -19.15 5.41
C ALA D 106 -17.34 -19.91 5.81
N PRO D 107 -16.95 -19.80 7.09
CA PRO D 107 -15.76 -20.44 7.66
C PRO D 107 -15.68 -21.93 7.54
N THR D 108 -14.45 -22.43 7.41
CA THR D 108 -14.23 -23.87 7.34
C THR D 108 -12.85 -24.17 7.88
N PRO D 109 -12.76 -25.14 8.79
CA PRO D 109 -13.88 -25.92 9.28
C PRO D 109 -14.72 -25.22 10.35
N GLN D 110 -15.88 -25.76 10.64
CA GLN D 110 -16.75 -25.24 11.69
C GLN D 110 -16.85 -26.41 12.64
N GLU D 111 -16.33 -26.21 13.85
CA GLU D 111 -16.28 -27.23 14.88
C GLU D 111 -17.32 -27.09 15.98
N PHE D 112 -17.83 -28.24 16.41
CA PHE D 112 -18.83 -28.28 17.48
C PHE D 112 -18.57 -29.49 18.36
N LYS D 113 -19.16 -29.49 19.55
CA LYS D 113 -19.01 -30.61 20.47
C LYS D 113 -20.26 -31.49 20.35
N GLU D 114 -20.06 -32.80 20.40
CA GLU D 114 -21.15 -33.76 20.30
C GLU D 114 -22.25 -33.36 21.27
N GLY D 115 -23.49 -33.30 20.80
CA GLY D 115 -24.57 -32.96 21.70
C GLY D 115 -25.13 -31.54 21.68
N GLU D 116 -24.34 -30.57 21.23
N GLU D 116 -24.34 -30.56 21.23
CA GLU D 116 -24.82 -29.19 21.20
CA GLU D 116 -24.85 -29.21 21.21
C GLU D 116 -25.66 -28.93 19.96
C GLU D 116 -25.68 -28.95 19.97
N ASP D 117 -26.53 -27.93 20.02
CA ASP D 117 -27.35 -27.58 18.88
C ASP D 117 -26.47 -26.71 17.99
N ALA D 118 -25.79 -27.37 17.05
CA ALA D 118 -24.90 -26.69 16.14
C ALA D 118 -25.63 -25.78 15.16
N VAL D 119 -24.96 -24.69 14.81
CA VAL D 119 -25.49 -23.74 13.84
C VAL D 119 -24.34 -23.49 12.86
N ILE D 120 -24.50 -23.93 11.62
N ILE D 120 -24.51 -23.92 11.63
CA ILE D 120 -23.48 -23.74 10.62
CA ILE D 120 -23.48 -23.74 10.60
C ILE D 120 -23.68 -22.37 9.96
C ILE D 120 -23.68 -22.37 9.96
N VAL D 121 -22.63 -21.56 10.00
CA VAL D 121 -22.66 -20.21 9.45
C VAL D 121 -22.31 -20.10 7.97
N CYS D 122 -23.13 -19.36 7.24
CA CYS D 122 -22.95 -19.12 5.81
C CYS D 122 -23.59 -17.77 5.47
N ASP D 123 -22.76 -16.75 5.35
CA ASP D 123 -23.24 -15.40 5.02
C ASP D 123 -23.12 -15.14 3.53
N VAL D 124 -24.25 -14.90 2.89
CA VAL D 124 -24.28 -14.65 1.47
C VAL D 124 -24.69 -13.22 1.15
N VAL D 125 -24.00 -12.62 0.19
CA VAL D 125 -24.33 -11.26 -0.25
C VAL D 125 -24.68 -11.36 -1.73
N SER D 126 -25.69 -10.62 -2.13
CA SER D 126 -26.14 -10.67 -3.52
C SER D 126 -27.18 -9.58 -3.75
N SER D 127 -27.13 -8.92 -4.90
CA SER D 127 -28.11 -7.88 -5.19
C SER D 127 -29.47 -8.54 -5.33
N LEU D 128 -29.49 -9.68 -6.01
CA LEU D 128 -30.71 -10.43 -6.21
C LEU D 128 -30.75 -11.55 -5.17
N PRO D 129 -31.76 -11.54 -4.28
CA PRO D 129 -31.89 -12.55 -3.24
C PRO D 129 -31.85 -13.97 -3.82
N PRO D 130 -31.02 -14.85 -3.25
CA PRO D 130 -30.95 -16.20 -3.80
C PRO D 130 -31.75 -17.18 -2.96
N THR D 131 -31.83 -18.42 -3.44
N THR D 131 -31.82 -18.41 -3.44
CA THR D 131 -32.50 -19.48 -2.71
CA THR D 131 -32.49 -19.48 -2.72
C THR D 131 -31.36 -20.34 -2.19
C THR D 131 -31.35 -20.35 -2.19
N ILE D 132 -31.45 -20.75 -0.93
CA ILE D 132 -30.39 -21.56 -0.33
C ILE D 132 -30.76 -23.03 -0.11
N ILE D 133 -29.80 -23.90 -0.39
CA ILE D 133 -29.96 -25.34 -0.19
C ILE D 133 -28.70 -25.81 0.53
N TRP D 134 -28.89 -26.61 1.57
CA TRP D 134 -27.75 -27.16 2.30
C TRP D 134 -27.65 -28.63 1.93
N LYS D 135 -26.41 -29.07 1.67
CA LYS D 135 -26.16 -30.46 1.32
C LYS D 135 -25.13 -31.05 2.26
N HIS D 136 -25.25 -32.36 2.49
CA HIS D 136 -24.30 -33.10 3.32
C HIS D 136 -23.83 -34.22 2.40
N LYS D 137 -22.52 -34.28 2.15
CA LYS D 137 -21.98 -35.30 1.24
C LYS D 137 -22.63 -35.20 -0.14
N GLY D 138 -22.98 -33.97 -0.52
CA GLY D 138 -23.59 -33.70 -1.81
C GLY D 138 -25.08 -33.95 -1.94
N ARG D 139 -25.73 -34.30 -0.83
CA ARG D 139 -27.15 -34.60 -0.86
C ARG D 139 -27.92 -33.60 0.01
N ASP D 140 -29.00 -33.04 -0.54
CA ASP D 140 -29.84 -32.06 0.16
C ASP D 140 -30.18 -32.63 1.54
N VAL D 141 -29.84 -31.88 2.59
CA VAL D 141 -30.10 -32.33 3.97
C VAL D 141 -31.57 -32.61 4.25
N ILE D 142 -32.46 -32.01 3.46
CA ILE D 142 -33.89 -32.22 3.67
C ILE D 142 -34.25 -33.69 3.45
N LEU D 143 -33.49 -34.35 2.59
CA LEU D 143 -33.75 -35.76 2.30
C LEU D 143 -33.48 -36.69 3.49
N LYS D 144 -32.82 -36.17 4.52
CA LYS D 144 -32.53 -36.97 5.71
C LYS D 144 -33.83 -37.24 6.47
N LYS D 145 -34.84 -36.40 6.22
CA LYS D 145 -36.12 -36.53 6.88
C LYS D 145 -35.85 -36.63 8.39
N ASP D 146 -34.87 -35.85 8.81
CA ASP D 146 -34.44 -35.80 10.19
C ASP D 146 -34.83 -34.45 10.80
N VAL D 147 -35.78 -34.48 11.73
CA VAL D 147 -36.26 -33.25 12.36
C VAL D 147 -35.19 -32.36 12.99
N ARG D 148 -34.01 -32.91 13.25
CA ARG D 148 -32.93 -32.11 13.84
C ARG D 148 -32.34 -31.11 12.84
N PHE D 149 -32.57 -31.34 11.55
CA PHE D 149 -32.04 -30.44 10.52
C PHE D 149 -33.02 -29.37 10.09
N ILE D 150 -32.66 -28.11 10.32
CA ILE D 150 -33.53 -27.00 9.94
C ILE D 150 -32.73 -25.89 9.29
N VAL D 151 -33.16 -25.47 8.10
CA VAL D 151 -32.49 -24.36 7.44
C VAL D 151 -33.16 -23.12 8.00
N LEU D 152 -32.38 -22.26 8.64
CA LEU D 152 -32.90 -21.03 9.25
C LEU D 152 -33.11 -19.95 8.20
N SER D 153 -33.90 -18.94 8.55
CA SER D 153 -34.20 -17.85 7.64
C SER D 153 -33.01 -16.95 7.30
N ASN D 154 -31.91 -17.07 8.04
CA ASN D 154 -30.73 -16.27 7.75
C ASN D 154 -29.75 -17.11 6.92
N ASN D 155 -30.25 -18.24 6.44
CA ASN D 155 -29.47 -19.14 5.59
C ASN D 155 -28.54 -20.11 6.33
N TYR D 156 -28.45 -20.00 7.65
CA TYR D 156 -27.61 -20.89 8.43
C TYR D 156 -28.29 -22.24 8.58
N LEU D 157 -27.51 -23.29 8.82
CA LEU D 157 -28.08 -24.61 9.00
C LEU D 157 -28.04 -25.00 10.48
N GLN D 158 -29.20 -25.27 11.06
CA GLN D 158 -29.24 -25.69 12.44
C GLN D 158 -29.28 -27.22 12.50
N ILE D 159 -28.45 -27.79 13.37
CA ILE D 159 -28.40 -29.24 13.57
C ILE D 159 -28.48 -29.45 15.08
N ARG D 160 -29.68 -29.74 15.57
CA ARG D 160 -29.92 -29.99 16.99
C ARG D 160 -29.21 -31.26 17.42
N GLY D 161 -28.67 -31.24 18.65
CA GLY D 161 -27.98 -32.40 19.20
C GLY D 161 -27.10 -33.09 18.17
N ILE D 162 -26.19 -32.32 17.59
CA ILE D 162 -25.30 -32.85 16.57
C ILE D 162 -24.53 -34.08 17.06
N LYS D 163 -24.41 -35.06 16.17
CA LYS D 163 -23.72 -36.32 16.46
C LYS D 163 -22.48 -36.39 15.61
N LYS D 164 -21.57 -37.29 15.97
CA LYS D 164 -20.35 -37.45 15.18
C LYS D 164 -20.69 -37.96 13.80
N THR D 165 -21.77 -38.74 13.71
N THR D 165 -21.76 -38.73 13.70
CA THR D 165 -22.20 -39.28 12.43
CA THR D 165 -22.19 -39.27 12.42
C THR D 165 -22.72 -38.17 11.51
C THR D 165 -22.69 -38.16 11.50
N ASP D 166 -22.90 -36.97 12.06
CA ASP D 166 -23.38 -35.83 11.28
C ASP D 166 -22.21 -35.07 10.64
N GLU D 167 -20.99 -35.29 11.10
CA GLU D 167 -19.89 -34.53 10.55
C GLU D 167 -19.56 -34.86 9.10
N GLY D 168 -18.79 -33.98 8.46
CA GLY D 168 -18.44 -34.20 7.07
C GLY D 168 -18.52 -32.92 6.27
N THR D 169 -18.60 -33.04 4.95
CA THR D 169 -18.64 -31.88 4.06
C THR D 169 -20.06 -31.35 3.84
N TYR D 170 -20.31 -30.12 4.26
CA TYR D 170 -21.62 -29.51 4.07
C TYR D 170 -21.47 -28.44 3.00
N ARG D 171 -22.39 -28.39 2.05
CA ARG D 171 -22.32 -27.37 1.02
C ARG D 171 -23.48 -26.40 1.18
N CYS D 172 -23.14 -25.11 1.24
CA CYS D 172 -24.11 -24.03 1.32
C CYS D 172 -24.20 -23.59 -0.13
N GLU D 173 -25.30 -23.91 -0.79
CA GLU D 173 -25.47 -23.60 -2.21
C GLU D 173 -26.51 -22.50 -2.45
N GLY D 174 -26.11 -21.46 -3.18
CA GLY D 174 -27.03 -20.39 -3.48
C GLY D 174 -27.38 -20.38 -4.95
N ARG D 175 -28.67 -20.20 -5.26
CA ARG D 175 -29.11 -20.17 -6.64
C ARG D 175 -30.13 -19.07 -6.88
N ILE D 176 -30.04 -18.48 -8.07
CA ILE D 176 -30.99 -17.45 -8.47
C ILE D 176 -31.62 -18.15 -9.68
N LEU D 177 -32.68 -18.90 -9.41
CA LEU D 177 -33.35 -19.69 -10.42
C LEU D 177 -33.58 -19.09 -11.81
N ALA D 178 -34.36 -18.01 -11.89
CA ALA D 178 -34.67 -17.39 -13.17
C ALA D 178 -33.45 -16.95 -13.99
N ARG D 179 -32.30 -16.76 -13.35
CA ARG D 179 -31.12 -16.32 -14.06
C ARG D 179 -30.01 -17.37 -14.16
N GLY D 180 -30.24 -18.53 -13.55
CA GLY D 180 -29.26 -19.60 -13.59
C GLY D 180 -27.97 -19.35 -12.84
N GLU D 181 -27.94 -18.30 -12.03
CA GLU D 181 -26.75 -17.96 -11.26
C GLU D 181 -26.61 -18.95 -10.11
N ILE D 182 -25.41 -19.46 -9.91
CA ILE D 182 -25.16 -20.40 -8.84
C ILE D 182 -23.76 -20.22 -8.29
N ASN D 183 -23.64 -20.35 -6.97
CA ASN D 183 -22.36 -20.26 -6.31
C ASN D 183 -22.48 -21.07 -5.02
N PHE D 184 -21.37 -21.63 -4.56
CA PHE D 184 -21.45 -22.44 -3.36
C PHE D 184 -20.17 -22.36 -2.51
N LYS D 185 -20.24 -22.94 -1.33
N LYS D 185 -20.24 -22.95 -1.34
CA LYS D 185 -19.12 -22.97 -0.40
CA LYS D 185 -19.12 -22.98 -0.41
C LYS D 185 -19.18 -24.28 0.37
C LYS D 185 -19.17 -24.28 0.36
N ASP D 186 -18.09 -25.05 0.34
CA ASP D 186 -18.04 -26.31 1.08
C ASP D 186 -17.47 -26.03 2.45
N ILE D 187 -18.19 -26.50 3.47
CA ILE D 187 -17.81 -26.30 4.86
C ILE D 187 -17.59 -27.65 5.52
N GLN D 188 -16.43 -27.80 6.15
CA GLN D 188 -16.08 -29.03 6.83
C GLN D 188 -16.61 -28.94 8.26
N VAL D 189 -17.59 -29.78 8.56
CA VAL D 189 -18.17 -29.77 9.90
C VAL D 189 -17.45 -30.81 10.74
N ILE D 190 -16.93 -30.37 11.88
CA ILE D 190 -16.20 -31.27 12.77
C ILE D 190 -16.87 -31.37 14.13
N VAL D 191 -17.00 -32.60 14.62
CA VAL D 191 -17.63 -32.82 15.92
C VAL D 191 -16.65 -33.57 16.83
#